data_2EOO
#
_entry.id   2EOO
#
loop_
_entity.id
_entity.type
_entity.pdbx_description
1 polymer 'Zinc finger protein 95 homolog'
2 non-polymer 'ZINC ION'
#
_entity_poly.entity_id   1
_entity_poly.type   'polypeptide(L)'
_entity_poly.pdbx_seq_one_letter_code
;GSSGSSGSGERPYGCNECGKNFGRHSHLIEHLKRHFREKSSGPSSG
;
_entity_poly.pdbx_strand_id   A
#
# COMPACT_ATOMS: atom_id res chain seq x y z
N GLY A 1 -13.24 -3.03 31.69
CA GLY A 1 -13.83 -3.15 30.37
C GLY A 1 -12.87 -3.72 29.36
N SER A 2 -12.98 -3.26 28.12
CA SER A 2 -12.11 -3.73 27.04
C SER A 2 -11.90 -2.64 26.00
N SER A 3 -10.63 -2.35 25.72
CA SER A 3 -10.28 -1.32 24.75
C SER A 3 -9.21 -1.82 23.78
N GLY A 4 -9.39 -1.50 22.50
CA GLY A 4 -8.43 -1.94 21.49
C GLY A 4 -8.61 -3.40 21.12
N SER A 5 -8.77 -4.25 22.13
CA SER A 5 -8.94 -5.68 21.90
C SER A 5 -8.08 -6.15 20.73
N SER A 6 -6.85 -5.65 20.66
CA SER A 6 -5.93 -6.01 19.58
C SER A 6 -4.52 -6.18 20.12
N GLY A 7 -3.77 -7.09 19.51
CA GLY A 7 -2.39 -7.32 19.94
C GLY A 7 -1.44 -7.47 18.76
N SER A 8 -1.30 -6.40 17.99
CA SER A 8 -0.40 -6.40 16.83
C SER A 8 0.56 -5.22 16.87
N GLY A 9 0.01 -4.02 16.87
CA GLY A 9 0.84 -2.83 16.91
C GLY A 9 0.20 -1.64 16.22
N GLU A 10 1.03 -0.75 15.68
CA GLU A 10 0.53 0.43 14.98
C GLU A 10 1.01 0.45 13.54
N ARG A 11 0.11 0.82 12.63
CA ARG A 11 0.44 0.88 11.20
C ARG A 11 0.01 2.21 10.60
N PRO A 12 0.83 3.25 10.80
CA PRO A 12 0.56 4.59 10.29
C PRO A 12 0.67 4.66 8.77
N TYR A 13 1.75 4.10 8.23
CA TYR A 13 1.98 4.10 6.80
C TYR A 13 0.95 3.23 6.08
N GLY A 14 -0.13 3.84 5.62
CA GLY A 14 -1.17 3.12 4.93
C GLY A 14 -1.32 3.55 3.49
N CYS A 15 -0.78 2.76 2.57
CA CYS A 15 -0.84 3.06 1.14
C CYS A 15 -2.29 3.25 0.70
N ASN A 16 -2.50 4.16 -0.25
CA ASN A 16 -3.84 4.44 -0.75
C ASN A 16 -4.05 3.79 -2.12
N GLU A 17 -3.01 3.83 -2.94
CA GLU A 17 -3.08 3.23 -4.28
C GLU A 17 -3.90 1.96 -4.27
N CYS A 18 -3.55 1.03 -3.39
CA CYS A 18 -4.26 -0.23 -3.28
C CYS A 18 -4.93 -0.37 -1.92
N GLY A 19 -4.24 0.07 -0.87
CA GLY A 19 -4.78 -0.01 0.47
C GLY A 19 -3.99 -0.93 1.37
N LYS A 20 -2.66 -0.75 1.38
CA LYS A 20 -1.79 -1.57 2.21
C LYS A 20 -1.26 -0.78 3.39
N ASN A 21 -0.86 -1.48 4.44
CA ASN A 21 -0.34 -0.85 5.65
C ASN A 21 1.05 -1.39 5.99
N PHE A 22 1.74 -0.70 6.89
CA PHE A 22 3.08 -1.11 7.30
C PHE A 22 3.47 -0.44 8.61
N GLY A 23 4.55 -0.91 9.22
CA GLY A 23 5.01 -0.35 10.47
C GLY A 23 6.34 0.37 10.33
N ARG A 24 6.74 0.63 9.09
CA ARG A 24 8.00 1.32 8.82
C ARG A 24 7.87 2.26 7.63
N HIS A 25 8.78 3.23 7.55
CA HIS A 25 8.77 4.20 6.45
C HIS A 25 9.20 3.54 5.15
N SER A 26 10.28 2.76 5.20
CA SER A 26 10.81 2.10 4.03
C SER A 26 9.82 1.05 3.51
N HIS A 27 9.33 0.21 4.42
CA HIS A 27 8.38 -0.83 4.06
C HIS A 27 7.35 -0.31 3.06
N LEU A 28 6.87 0.91 3.29
CA LEU A 28 5.89 1.53 2.40
C LEU A 28 6.51 1.85 1.04
N ILE A 29 7.63 2.55 1.06
CA ILE A 29 8.33 2.93 -0.16
C ILE A 29 8.51 1.73 -1.08
N GLU A 30 9.25 0.74 -0.61
CA GLU A 30 9.49 -0.48 -1.38
C GLU A 30 8.19 -1.04 -1.94
N HIS A 31 7.15 -1.05 -1.11
CA HIS A 31 5.85 -1.56 -1.53
C HIS A 31 5.30 -0.77 -2.71
N LEU A 32 5.32 0.55 -2.60
CA LEU A 32 4.83 1.42 -3.67
C LEU A 32 5.54 1.10 -4.99
N LYS A 33 6.78 0.64 -4.89
CA LYS A 33 7.56 0.30 -6.08
C LYS A 33 6.73 -0.47 -7.09
N ARG A 34 5.93 -1.42 -6.58
CA ARG A 34 5.08 -2.23 -7.44
C ARG A 34 4.13 -1.35 -8.25
N HIS A 35 3.21 -0.69 -7.55
CA HIS A 35 2.24 0.19 -8.19
C HIS A 35 2.90 1.01 -9.29
N PHE A 36 3.91 1.78 -8.92
CA PHE A 36 4.63 2.63 -9.86
C PHE A 36 5.08 1.82 -11.08
N ARG A 37 5.77 0.71 -10.83
CA ARG A 37 6.26 -0.14 -11.89
C ARG A 37 5.11 -0.78 -12.65
N GLU A 38 4.86 -0.29 -13.86
CA GLU A 38 3.77 -0.80 -14.70
C GLU A 38 4.12 -2.19 -15.24
N LYS A 39 3.69 -3.23 -14.51
CA LYS A 39 3.95 -4.60 -14.92
C LYS A 39 2.68 -5.44 -14.85
N SER A 40 1.94 -5.29 -13.77
CA SER A 40 0.70 -6.03 -13.59
C SER A 40 -0.49 -5.26 -14.17
N SER A 41 -0.74 -4.07 -13.63
CA SER A 41 -1.84 -3.24 -14.09
C SER A 41 -1.41 -2.34 -15.24
N GLY A 42 -2.06 -2.49 -16.39
CA GLY A 42 -1.72 -1.69 -17.55
C GLY A 42 -2.72 -1.83 -18.67
N PRO A 43 -2.71 -0.87 -19.61
CA PRO A 43 -3.62 -0.86 -20.75
C PRO A 43 -3.31 -1.98 -21.75
N SER A 44 -4.12 -2.08 -22.79
CA SER A 44 -3.92 -3.10 -23.81
C SER A 44 -3.02 -2.59 -24.94
N SER A 45 -1.71 -2.75 -24.75
CA SER A 45 -0.74 -2.30 -25.74
C SER A 45 0.53 -3.14 -25.68
N GLY A 46 0.82 -3.84 -26.77
CA GLY A 46 2.01 -4.67 -26.82
C GLY A 46 3.06 -4.13 -27.76
N GLY A 1 -14.42 -5.94 0.85
CA GLY A 1 -15.50 -6.07 -0.11
C GLY A 1 -16.71 -5.24 0.27
N SER A 2 -16.49 -3.96 0.57
CA SER A 2 -17.57 -3.07 0.95
C SER A 2 -17.09 -1.61 0.98
N SER A 3 -17.96 -0.70 0.54
CA SER A 3 -17.62 0.71 0.51
C SER A 3 -17.34 1.23 1.92
N GLY A 4 -16.20 1.90 2.07
CA GLY A 4 -15.84 2.45 3.37
C GLY A 4 -14.46 2.01 3.82
N SER A 5 -13.80 2.85 4.61
CA SER A 5 -12.46 2.54 5.11
C SER A 5 -12.50 2.04 6.54
N SER A 6 -13.33 2.70 7.36
CA SER A 6 -13.47 2.32 8.76
C SER A 6 -12.10 2.13 9.41
N GLY A 7 -11.17 3.03 9.10
CA GLY A 7 -9.83 2.93 9.66
C GLY A 7 -9.33 1.50 9.75
N SER A 8 -8.89 0.95 8.62
CA SER A 8 -8.39 -0.41 8.59
C SER A 8 -6.87 -0.44 8.65
N GLY A 9 -6.34 -0.68 9.84
CA GLY A 9 -4.90 -0.73 10.02
C GLY A 9 -4.42 0.17 11.14
N GLU A 10 -3.53 -0.34 11.98
CA GLU A 10 -3.00 0.44 13.09
C GLU A 10 -1.71 1.15 12.69
N ARG A 11 -0.87 0.46 11.93
CA ARG A 11 0.39 1.02 11.48
C ARG A 11 0.18 2.42 10.88
N PRO A 12 1.16 3.31 11.11
CA PRO A 12 1.10 4.69 10.60
C PRO A 12 1.26 4.75 9.09
N TYR A 13 2.03 3.82 8.53
CA TYR A 13 2.28 3.77 7.10
C TYR A 13 1.25 2.87 6.41
N GLY A 14 0.29 3.49 5.74
CA GLY A 14 -0.73 2.74 5.04
C GLY A 14 -0.85 3.14 3.58
N CYS A 15 -0.26 2.35 2.70
CA CYS A 15 -0.30 2.63 1.27
C CYS A 15 -1.64 3.25 0.88
N ASN A 16 -1.61 4.53 0.53
CA ASN A 16 -2.82 5.24 0.14
C ASN A 16 -3.10 5.06 -1.34
N GLU A 17 -2.85 3.86 -1.85
CA GLU A 17 -3.06 3.56 -3.27
C GLU A 17 -3.87 2.28 -3.43
N CYS A 18 -3.56 1.28 -2.61
CA CYS A 18 -4.26 0.00 -2.67
C CYS A 18 -4.83 -0.36 -1.30
N GLY A 19 -4.06 -0.10 -0.26
CA GLY A 19 -4.51 -0.41 1.10
C GLY A 19 -3.66 -1.46 1.77
N LYS A 20 -2.42 -1.11 2.07
CA LYS A 20 -1.50 -2.03 2.72
C LYS A 20 -0.64 -1.31 3.76
N ASN A 21 -0.68 -1.80 5.00
CA ASN A 21 0.09 -1.19 6.07
C ASN A 21 1.40 -1.95 6.30
N PHE A 22 2.43 -1.21 6.69
CA PHE A 22 3.75 -1.81 6.93
C PHE A 22 4.29 -1.40 8.30
N GLY A 23 4.23 -0.11 8.59
CA GLY A 23 4.72 0.39 9.86
C GLY A 23 6.05 1.08 9.74
N ARG A 24 6.76 0.83 8.64
CA ARG A 24 8.06 1.43 8.41
C ARG A 24 8.01 2.39 7.22
N HIS A 25 8.92 3.36 7.20
CA HIS A 25 8.98 4.33 6.12
C HIS A 25 9.36 3.67 4.81
N SER A 26 10.57 3.10 4.77
CA SER A 26 11.06 2.44 3.57
C SER A 26 10.11 1.34 3.13
N HIS A 27 9.74 0.47 4.08
CA HIS A 27 8.82 -0.63 3.79
C HIS A 27 7.66 -0.16 2.92
N LEU A 28 6.99 0.89 3.36
CA LEU A 28 5.86 1.44 2.63
C LEU A 28 6.27 1.90 1.24
N ILE A 29 7.42 2.57 1.16
CA ILE A 29 7.94 3.06 -0.11
C ILE A 29 8.22 1.92 -1.07
N GLU A 30 9.15 1.05 -0.70
CA GLU A 30 9.51 -0.10 -1.52
C GLU A 30 8.27 -0.77 -2.10
N HIS A 31 7.22 -0.85 -1.29
CA HIS A 31 5.97 -1.46 -1.72
C HIS A 31 5.37 -0.69 -2.89
N LEU A 32 5.13 0.60 -2.69
CA LEU A 32 4.56 1.45 -3.73
C LEU A 32 5.19 1.15 -5.08
N LYS A 33 6.44 0.72 -5.07
CA LYS A 33 7.15 0.39 -6.29
C LYS A 33 6.33 -0.54 -7.17
N ARG A 34 5.80 -1.61 -6.58
CA ARG A 34 4.98 -2.57 -7.31
C ARG A 34 3.95 -1.86 -8.18
N HIS A 35 3.06 -1.11 -7.53
CA HIS A 35 2.02 -0.38 -8.24
C HIS A 35 2.59 0.36 -9.45
N PHE A 36 3.89 0.65 -9.39
CA PHE A 36 4.56 1.35 -10.48
C PHE A 36 5.16 0.37 -11.48
N ARG A 37 4.36 -0.62 -11.87
CA ARG A 37 4.81 -1.64 -12.81
C ARG A 37 3.88 -1.70 -14.03
N GLU A 38 4.40 -2.20 -15.13
CA GLU A 38 3.61 -2.32 -16.36
C GLU A 38 3.26 -3.77 -16.65
N LYS A 39 2.00 -4.13 -16.44
CA LYS A 39 1.54 -5.49 -16.68
C LYS A 39 1.22 -5.71 -18.16
N SER A 40 1.34 -4.65 -18.95
CA SER A 40 1.07 -4.73 -20.38
C SER A 40 -0.11 -5.66 -20.66
N SER A 41 -1.22 -5.43 -19.97
CA SER A 41 -2.41 -6.24 -20.14
C SER A 41 -3.46 -5.50 -20.96
N GLY A 42 -3.48 -4.18 -20.84
CA GLY A 42 -4.44 -3.38 -21.57
C GLY A 42 -5.52 -2.80 -20.67
N PRO A 43 -5.16 -1.76 -19.91
CA PRO A 43 -6.09 -1.10 -18.99
C PRO A 43 -7.15 -0.29 -19.72
N SER A 44 -6.75 0.36 -20.81
CA SER A 44 -7.67 1.16 -21.60
C SER A 44 -7.35 1.05 -23.08
N SER A 45 -8.32 1.41 -23.92
CA SER A 45 -8.16 1.34 -25.36
C SER A 45 -8.08 2.75 -25.98
N GLY A 46 -6.92 3.37 -25.85
CA GLY A 46 -6.74 4.70 -26.40
C GLY A 46 -7.99 5.55 -26.29
N GLY A 1 -4.25 -7.52 9.22
CA GLY A 1 -4.43 -8.28 10.45
C GLY A 1 -5.88 -8.37 10.87
N SER A 2 -6.26 -9.51 11.44
CA SER A 2 -7.62 -9.74 11.88
C SER A 2 -7.75 -9.48 13.38
N SER A 3 -7.96 -8.22 13.76
CA SER A 3 -8.11 -7.85 15.15
C SER A 3 -9.38 -7.03 15.38
N GLY A 4 -9.95 -7.15 16.57
CA GLY A 4 -11.15 -6.41 16.88
C GLY A 4 -10.90 -4.95 17.13
N SER A 5 -10.12 -4.64 18.18
CA SER A 5 -9.81 -3.26 18.52
C SER A 5 -9.54 -2.43 17.26
N SER A 6 -10.26 -1.33 17.15
CA SER A 6 -10.12 -0.44 15.99
C SER A 6 -8.67 0.03 15.85
N GLY A 7 -7.92 -0.66 15.00
CA GLY A 7 -6.52 -0.29 14.78
C GLY A 7 -5.78 -1.30 13.93
N SER A 8 -6.05 -2.58 14.17
CA SER A 8 -5.39 -3.64 13.41
C SER A 8 -3.89 -3.42 13.34
N GLY A 9 -3.31 -2.95 14.45
CA GLY A 9 -1.89 -2.70 14.49
C GLY A 9 -1.56 -1.23 14.35
N GLU A 10 -0.28 -0.89 14.55
CA GLU A 10 0.16 0.50 14.44
C GLU A 10 0.97 0.71 13.17
N ARG A 11 0.27 0.97 12.06
CA ARG A 11 0.93 1.19 10.78
C ARG A 11 0.35 2.42 10.08
N PRO A 12 0.80 3.61 10.48
CA PRO A 12 0.34 4.87 9.91
C PRO A 12 0.82 5.06 8.47
N TYR A 13 1.66 4.15 8.00
CA TYR A 13 2.19 4.22 6.65
C TYR A 13 1.27 3.49 5.66
N GLY A 14 -0.02 3.79 5.75
CA GLY A 14 -0.97 3.17 4.86
C GLY A 14 -0.78 3.58 3.41
N CYS A 15 -1.23 2.72 2.49
CA CYS A 15 -1.10 3.00 1.06
C CYS A 15 -2.46 3.34 0.45
N ASN A 16 -2.61 4.57 0.00
CA ASN A 16 -3.86 5.02 -0.61
C ASN A 16 -3.87 4.68 -2.10
N GLU A 17 -3.33 3.53 -2.46
CA GLU A 17 -3.28 3.10 -3.85
C GLU A 17 -3.96 1.75 -4.03
N CYS A 18 -3.65 0.82 -3.12
CA CYS A 18 -4.22 -0.52 -3.18
C CYS A 18 -5.00 -0.82 -1.91
N GLY A 19 -4.40 -0.53 -0.76
CA GLY A 19 -5.07 -0.79 0.50
C GLY A 19 -4.21 -1.58 1.46
N LYS A 20 -2.93 -1.22 1.56
CA LYS A 20 -2.00 -1.92 2.44
C LYS A 20 -1.47 -0.97 3.52
N ASN A 21 -0.73 -1.52 4.47
CA ASN A 21 -0.16 -0.74 5.55
C ASN A 21 1.13 -1.36 6.07
N PHE A 22 1.96 -0.55 6.72
CA PHE A 22 3.23 -1.02 7.26
C PHE A 22 3.67 -0.17 8.44
N GLY A 23 4.48 -0.76 9.31
CA GLY A 23 4.96 -0.04 10.49
C GLY A 23 6.20 0.78 10.19
N ARG A 24 7.12 0.21 9.42
CA ARG A 24 8.35 0.90 9.07
C ARG A 24 8.14 1.83 7.88
N HIS A 25 9.09 2.73 7.66
CA HIS A 25 9.00 3.68 6.56
C HIS A 25 9.39 3.02 5.24
N SER A 26 10.64 2.55 5.16
CA SER A 26 11.13 1.90 3.95
C SER A 26 10.13 0.87 3.44
N HIS A 27 9.52 0.14 4.37
CA HIS A 27 8.54 -0.88 4.02
C HIS A 27 7.49 -0.32 3.08
N LEU A 28 6.92 0.83 3.44
CA LEU A 28 5.89 1.47 2.63
C LEU A 28 6.47 1.94 1.30
N ILE A 29 7.68 2.49 1.34
CA ILE A 29 8.35 2.98 0.15
C ILE A 29 8.35 1.92 -0.96
N GLU A 30 8.98 0.78 -0.67
CA GLU A 30 9.06 -0.31 -1.63
C GLU A 30 7.65 -0.74 -2.07
N HIS A 31 6.86 -1.17 -1.11
CA HIS A 31 5.49 -1.62 -1.40
C HIS A 31 4.84 -0.74 -2.47
N LEU A 32 5.25 0.52 -2.52
CA LEU A 32 4.71 1.47 -3.49
C LEU A 32 5.41 1.30 -4.84
N LYS A 33 6.73 1.12 -4.81
CA LYS A 33 7.51 0.95 -6.02
C LYS A 33 6.80 0.03 -7.00
N ARG A 34 6.21 -1.05 -6.48
CA ARG A 34 5.49 -2.01 -7.31
C ARG A 34 4.40 -1.32 -8.12
N HIS A 35 3.44 -0.73 -7.42
CA HIS A 35 2.33 -0.05 -8.07
C HIS A 35 2.84 0.86 -9.20
N PHE A 36 3.81 1.71 -8.86
CA PHE A 36 4.39 2.63 -9.84
C PHE A 36 4.67 1.92 -11.16
N ARG A 37 5.41 0.82 -11.09
CA ARG A 37 5.76 0.05 -12.27
C ARG A 37 4.53 -0.17 -13.15
N GLU A 38 4.63 0.27 -14.41
CA GLU A 38 3.52 0.12 -15.34
C GLU A 38 2.98 -1.31 -15.32
N LYS A 39 1.80 -1.48 -14.74
CA LYS A 39 1.18 -2.79 -14.65
C LYS A 39 -0.34 -2.66 -14.57
N SER A 40 -1.03 -3.80 -14.62
CA SER A 40 -2.49 -3.81 -14.56
C SER A 40 -2.97 -3.82 -13.11
N SER A 41 -2.32 -3.02 -12.27
CA SER A 41 -2.69 -2.93 -10.86
C SER A 41 -2.64 -1.48 -10.38
N GLY A 42 -3.76 -1.02 -9.83
CA GLY A 42 -3.84 0.34 -9.34
C GLY A 42 -3.18 1.34 -10.27
N PRO A 43 -3.79 1.54 -11.45
CA PRO A 43 -3.28 2.47 -12.45
C PRO A 43 -3.41 3.92 -12.03
N SER A 44 -4.60 4.29 -11.59
CA SER A 44 -4.86 5.67 -11.15
C SER A 44 -6.03 5.71 -10.17
N SER A 45 -6.08 6.75 -9.36
CA SER A 45 -7.14 6.92 -8.37
C SER A 45 -8.04 8.08 -8.73
N GLY A 46 -7.43 9.20 -9.11
CA GLY A 46 -8.20 10.38 -9.48
C GLY A 46 -7.32 11.53 -9.92
N GLY A 1 -15.82 -7.50 -6.47
CA GLY A 1 -16.11 -7.98 -5.13
C GLY A 1 -15.57 -7.06 -4.05
N SER A 2 -15.57 -7.54 -2.82
CA SER A 2 -15.10 -6.75 -1.68
C SER A 2 -14.53 -7.65 -0.60
N SER A 3 -13.87 -7.04 0.39
CA SER A 3 -13.28 -7.79 1.49
C SER A 3 -13.80 -7.29 2.83
N GLY A 4 -13.73 -8.15 3.85
CA GLY A 4 -14.20 -7.77 5.17
C GLY A 4 -13.28 -6.80 5.86
N SER A 5 -13.83 -5.99 6.76
CA SER A 5 -13.04 -5.00 7.49
C SER A 5 -13.31 -5.09 8.98
N SER A 6 -12.28 -4.85 9.79
CA SER A 6 -12.40 -4.91 11.24
C SER A 6 -12.47 -3.50 11.84
N GLY A 7 -11.51 -2.66 11.45
CA GLY A 7 -11.49 -1.30 11.96
C GLY A 7 -10.88 -0.33 10.97
N SER A 8 -9.86 0.40 11.41
CA SER A 8 -9.19 1.38 10.55
C SER A 8 -7.67 1.18 10.57
N GLY A 9 -6.97 1.96 9.77
CA GLY A 9 -5.52 1.85 9.71
C GLY A 9 -4.84 2.69 10.75
N GLU A 10 -4.10 2.04 11.65
CA GLU A 10 -3.39 2.73 12.72
C GLU A 10 -1.94 2.97 12.34
N ARG A 11 -1.27 1.91 11.89
CA ARG A 11 0.13 2.00 11.49
C ARG A 11 0.43 3.36 10.86
N PRO A 12 1.64 3.88 11.12
CA PRO A 12 2.08 5.17 10.60
C PRO A 12 2.31 5.13 9.08
N TYR A 13 2.30 3.93 8.52
CA TYR A 13 2.52 3.75 7.09
C TYR A 13 1.40 2.91 6.48
N GLY A 14 0.44 3.58 5.84
CA GLY A 14 -0.66 2.88 5.21
C GLY A 14 -0.93 3.37 3.80
N CYS A 15 -1.01 2.44 2.85
CA CYS A 15 -1.26 2.77 1.46
C CYS A 15 -2.75 2.67 1.14
N ASN A 16 -3.33 3.77 0.69
CA ASN A 16 -4.75 3.80 0.34
C ASN A 16 -4.97 3.31 -1.09
N GLU A 17 -4.07 3.71 -1.99
CA GLU A 17 -4.16 3.31 -3.39
C GLU A 17 -4.67 1.89 -3.52
N CYS A 18 -3.95 0.94 -2.91
CA CYS A 18 -4.34 -0.46 -2.95
C CYS A 18 -4.92 -0.91 -1.61
N GLY A 19 -4.24 -0.55 -0.52
CA GLY A 19 -4.71 -0.93 0.80
C GLY A 19 -3.73 -1.84 1.51
N LYS A 20 -2.47 -1.43 1.58
CA LYS A 20 -1.44 -2.22 2.24
C LYS A 20 -0.58 -1.34 3.15
N ASN A 21 -0.56 -1.67 4.43
CA ASN A 21 0.22 -0.91 5.40
C ASN A 21 1.49 -1.67 5.79
N PHE A 22 2.42 -0.96 6.41
CA PHE A 22 3.68 -1.57 6.83
C PHE A 22 4.17 -0.94 8.15
N GLY A 23 4.93 -1.73 8.91
CA GLY A 23 5.44 -1.24 10.18
C GLY A 23 6.82 -0.63 10.05
N ARG A 24 7.12 -0.11 8.87
CA ARG A 24 8.42 0.50 8.61
C ARG A 24 8.33 1.54 7.49
N HIS A 25 9.28 2.46 7.47
CA HIS A 25 9.30 3.51 6.44
C HIS A 25 9.70 2.94 5.09
N SER A 26 10.90 2.35 5.02
CA SER A 26 11.39 1.77 3.78
C SER A 26 10.40 0.76 3.22
N HIS A 27 9.86 -0.08 4.09
CA HIS A 27 8.89 -1.09 3.69
C HIS A 27 7.77 -0.47 2.85
N LEU A 28 7.28 0.69 3.30
CA LEU A 28 6.20 1.37 2.60
C LEU A 28 6.70 1.93 1.27
N ILE A 29 7.88 2.55 1.29
CA ILE A 29 8.46 3.13 0.09
C ILE A 29 8.62 2.07 -1.00
N GLU A 30 9.17 0.92 -0.62
CA GLU A 30 9.38 -0.17 -1.57
C GLU A 30 8.05 -0.69 -2.11
N HIS A 31 7.10 -0.90 -1.21
CA HIS A 31 5.77 -1.39 -1.60
C HIS A 31 5.16 -0.50 -2.68
N LEU A 32 5.18 0.81 -2.45
CA LEU A 32 4.63 1.76 -3.41
C LEU A 32 5.28 1.59 -4.79
N LYS A 33 6.60 1.54 -4.81
CA LYS A 33 7.34 1.37 -6.06
C LYS A 33 6.62 0.40 -6.99
N ARG A 34 6.18 -0.72 -6.44
CA ARG A 34 5.48 -1.74 -7.21
C ARG A 34 4.44 -1.09 -8.13
N HIS A 35 3.50 -0.37 -7.53
CA HIS A 35 2.44 0.29 -8.29
C HIS A 35 3.01 0.94 -9.55
N PHE A 36 4.06 1.73 -9.38
CA PHE A 36 4.69 2.41 -10.50
C PHE A 36 4.70 1.53 -11.74
N ARG A 37 5.32 0.36 -11.62
CA ARG A 37 5.39 -0.59 -12.73
C ARG A 37 4.00 -0.93 -13.24
N GLU A 38 3.90 -1.18 -14.54
CA GLU A 38 2.62 -1.52 -15.17
C GLU A 38 2.83 -2.26 -16.48
N LYS A 39 2.04 -3.29 -16.71
CA LYS A 39 2.15 -4.08 -17.93
C LYS A 39 2.02 -3.20 -19.16
N SER A 40 2.94 -3.37 -20.11
CA SER A 40 2.93 -2.58 -21.33
C SER A 40 2.12 -3.28 -22.43
N SER A 41 1.61 -2.49 -23.37
CA SER A 41 0.82 -3.03 -24.47
C SER A 41 1.58 -2.92 -25.79
N GLY A 42 2.89 -3.14 -25.73
CA GLY A 42 3.71 -3.07 -26.93
C GLY A 42 3.98 -4.44 -27.52
N PRO A 43 4.86 -5.21 -26.85
CA PRO A 43 5.23 -6.55 -27.29
C PRO A 43 4.10 -7.55 -27.14
N SER A 44 2.94 -7.07 -26.69
CA SER A 44 1.78 -7.92 -26.50
C SER A 44 2.04 -8.97 -25.43
N SER A 45 2.60 -8.54 -24.31
CA SER A 45 2.91 -9.44 -23.21
C SER A 45 1.70 -10.30 -22.85
N GLY A 46 1.94 -11.60 -22.66
CA GLY A 46 0.86 -12.50 -22.33
C GLY A 46 1.07 -13.18 -20.99
N GLY A 1 -16.64 8.61 28.08
CA GLY A 1 -17.82 7.78 27.92
C GLY A 1 -17.60 6.61 26.99
N SER A 2 -17.08 6.89 25.80
CA SER A 2 -16.83 5.85 24.81
C SER A 2 -15.45 5.22 25.03
N SER A 3 -15.27 4.01 24.53
CA SER A 3 -14.02 3.29 24.67
C SER A 3 -13.28 3.20 23.34
N GLY A 4 -13.97 2.68 22.33
CA GLY A 4 -13.37 2.55 21.02
C GLY A 4 -12.86 1.14 20.74
N SER A 5 -13.07 0.66 19.52
CA SER A 5 -12.64 -0.67 19.13
C SER A 5 -11.29 -0.63 18.41
N SER A 6 -10.21 -0.56 19.18
CA SER A 6 -8.87 -0.51 18.63
C SER A 6 -8.09 -1.78 18.96
N GLY A 7 -7.08 -2.07 18.15
CA GLY A 7 -6.27 -3.25 18.36
C GLY A 7 -4.79 -2.97 18.24
N SER A 8 -4.34 -1.88 18.85
CA SER A 8 -2.93 -1.50 18.81
C SER A 8 -2.45 -1.34 17.37
N GLY A 9 -3.27 -0.69 16.55
CA GLY A 9 -2.92 -0.49 15.16
C GLY A 9 -1.54 0.12 14.99
N GLU A 10 -1.45 1.43 15.22
CA GLU A 10 -0.17 2.13 15.09
C GLU A 10 0.41 1.94 13.68
N ARG A 11 -0.46 2.00 12.68
CA ARG A 11 -0.03 1.85 11.30
C ARG A 11 -0.08 3.18 10.55
N PRO A 12 0.95 4.01 10.75
CA PRO A 12 1.04 5.33 10.11
C PRO A 12 1.28 5.22 8.61
N TYR A 13 1.89 4.12 8.18
CA TYR A 13 2.18 3.90 6.77
C TYR A 13 1.09 3.04 6.12
N GLY A 14 0.03 3.70 5.67
CA GLY A 14 -1.06 2.99 5.04
C GLY A 14 -1.29 3.45 3.60
N CYS A 15 -1.04 2.56 2.65
CA CYS A 15 -1.22 2.88 1.24
C CYS A 15 -2.69 2.83 0.86
N ASN A 16 -3.17 3.90 0.25
CA ASN A 16 -4.57 3.99 -0.17
C ASN A 16 -4.73 3.46 -1.59
N GLU A 17 -3.72 3.69 -2.43
CA GLU A 17 -3.77 3.25 -3.82
C GLU A 17 -4.38 1.85 -3.92
N CYS A 18 -3.78 0.89 -3.22
CA CYS A 18 -4.27 -0.49 -3.23
C CYS A 18 -4.90 -0.85 -1.90
N GLY A 19 -4.27 -0.41 -0.82
CA GLY A 19 -4.79 -0.70 0.51
C GLY A 19 -3.88 -1.62 1.30
N LYS A 20 -2.59 -1.30 1.33
CA LYS A 20 -1.62 -2.11 2.04
C LYS A 20 -0.80 -1.25 3.02
N ASN A 21 -0.89 -1.57 4.30
CA ASN A 21 -0.16 -0.84 5.33
C ASN A 21 1.13 -1.55 5.69
N PHE A 22 1.99 -0.87 6.46
CA PHE A 22 3.25 -1.43 6.88
C PHE A 22 3.74 -0.78 8.17
N GLY A 23 4.69 -1.43 8.84
CA GLY A 23 5.22 -0.91 10.08
C GLY A 23 6.47 -0.07 9.86
N ARG A 24 7.42 -0.60 9.09
CA ARG A 24 8.65 0.11 8.81
C ARG A 24 8.46 1.13 7.69
N HIS A 25 9.12 2.28 7.83
CA HIS A 25 9.02 3.34 6.84
C HIS A 25 9.39 2.82 5.45
N SER A 26 10.62 2.33 5.32
CA SER A 26 11.10 1.80 4.05
C SER A 26 10.09 0.85 3.43
N HIS A 27 9.63 -0.11 4.23
CA HIS A 27 8.65 -1.09 3.77
C HIS A 27 7.61 -0.44 2.86
N LEU A 28 7.07 0.68 3.32
CA LEU A 28 6.05 1.41 2.55
C LEU A 28 6.62 1.87 1.21
N ILE A 29 7.67 2.68 1.27
CA ILE A 29 8.30 3.19 0.05
C ILE A 29 8.50 2.08 -0.97
N GLU A 30 9.13 0.98 -0.55
CA GLU A 30 9.38 -0.14 -1.42
C GLU A 30 8.08 -0.67 -2.03
N HIS A 31 7.07 -0.83 -1.18
CA HIS A 31 5.77 -1.33 -1.63
C HIS A 31 5.22 -0.45 -2.75
N LEU A 32 5.31 0.86 -2.57
CA LEU A 32 4.82 1.81 -3.57
C LEU A 32 5.51 1.58 -4.91
N LYS A 33 6.78 1.21 -4.87
CA LYS A 33 7.54 0.96 -6.09
C LYS A 33 6.73 0.16 -7.09
N ARG A 34 6.24 -1.00 -6.65
CA ARG A 34 5.44 -1.87 -7.51
C ARG A 34 4.44 -1.05 -8.33
N HIS A 35 3.50 -0.42 -7.64
CA HIS A 35 2.48 0.40 -8.30
C HIS A 35 3.09 1.17 -9.47
N PHE A 36 4.18 1.87 -9.20
CA PHE A 36 4.86 2.65 -10.23
C PHE A 36 5.16 1.81 -11.46
N ARG A 37 5.83 0.68 -11.24
CA ARG A 37 6.17 -0.23 -12.33
C ARG A 37 4.92 -0.85 -12.95
N GLU A 38 4.64 -0.48 -14.19
CA GLU A 38 3.47 -0.99 -14.90
C GLU A 38 3.89 -1.75 -16.15
N LYS A 39 4.89 -1.22 -16.86
CA LYS A 39 5.38 -1.86 -18.07
C LYS A 39 4.31 -1.84 -19.16
N SER A 40 3.80 -0.66 -19.46
CA SER A 40 2.76 -0.52 -20.49
C SER A 40 2.45 0.95 -20.73
N SER A 41 2.14 1.28 -21.98
CA SER A 41 1.81 2.65 -22.36
C SER A 41 2.91 3.60 -21.91
N GLY A 42 4.16 3.20 -22.12
CA GLY A 42 5.29 4.03 -21.73
C GLY A 42 6.61 3.31 -21.84
N PRO A 43 7.12 3.19 -23.08
CA PRO A 43 8.39 2.51 -23.35
C PRO A 43 9.59 3.30 -22.83
N SER A 44 9.93 3.06 -21.57
CA SER A 44 11.06 3.75 -20.94
C SER A 44 12.36 2.97 -21.14
N SER A 45 13.38 3.66 -21.65
CA SER A 45 14.68 3.02 -21.88
C SER A 45 15.08 2.16 -20.70
N GLY A 46 15.01 0.83 -20.88
CA GLY A 46 15.37 -0.08 -19.82
C GLY A 46 14.62 0.19 -18.53
N GLY A 1 -6.02 -15.57 1.28
CA GLY A 1 -5.83 -16.21 2.57
C GLY A 1 -5.75 -15.21 3.71
N SER A 2 -6.82 -14.45 3.91
CA SER A 2 -6.86 -13.45 4.97
C SER A 2 -7.65 -13.95 6.16
N SER A 3 -6.97 -14.13 7.29
CA SER A 3 -7.61 -14.62 8.51
C SER A 3 -6.93 -14.03 9.75
N GLY A 4 -7.67 -13.98 10.85
CA GLY A 4 -7.13 -13.44 12.09
C GLY A 4 -7.75 -12.13 12.47
N SER A 5 -7.73 -11.82 13.76
CA SER A 5 -8.30 -10.57 14.26
C SER A 5 -7.22 -9.65 14.82
N SER A 6 -6.68 -8.80 13.95
CA SER A 6 -5.63 -7.87 14.36
C SER A 6 -6.15 -6.88 15.40
N GLY A 7 -5.24 -6.34 16.19
CA GLY A 7 -5.62 -5.38 17.22
C GLY A 7 -5.28 -3.96 16.84
N SER A 8 -4.07 -3.76 16.32
CA SER A 8 -3.62 -2.43 15.93
C SER A 8 -4.16 -2.06 14.56
N GLY A 9 -5.37 -1.50 14.54
CA GLY A 9 -5.99 -1.11 13.29
C GLY A 9 -5.66 0.32 12.90
N GLU A 10 -4.37 0.66 12.90
CA GLU A 10 -3.93 2.00 12.55
C GLU A 10 -2.43 2.02 12.28
N ARG A 11 -2.06 2.58 11.13
CA ARG A 11 -0.65 2.67 10.73
C ARG A 11 -0.41 3.87 9.83
N PRO A 12 0.75 4.52 10.00
CA PRO A 12 1.13 5.69 9.21
C PRO A 12 1.43 5.33 7.76
N TYR A 13 2.08 4.19 7.56
CA TYR A 13 2.44 3.74 6.23
C TYR A 13 1.27 3.00 5.57
N GLY A 14 0.06 3.43 5.90
CA GLY A 14 -1.12 2.80 5.32
C GLY A 14 -1.44 3.30 3.93
N CYS A 15 -0.95 2.60 2.92
CA CYS A 15 -1.17 2.98 1.53
C CYS A 15 -2.66 3.04 1.23
N ASN A 16 -3.22 4.24 1.23
CA ASN A 16 -4.63 4.44 0.95
C ASN A 16 -4.90 4.40 -0.55
N GLU A 17 -4.31 3.41 -1.22
CA GLU A 17 -4.49 3.26 -2.66
C GLU A 17 -4.75 1.80 -3.02
N CYS A 18 -4.03 0.90 -2.36
CA CYS A 18 -4.19 -0.53 -2.61
C CYS A 18 -4.71 -1.25 -1.38
N GLY A 19 -4.12 -0.93 -0.22
CA GLY A 19 -4.55 -1.55 1.02
C GLY A 19 -3.46 -2.41 1.63
N LYS A 20 -2.31 -1.80 1.90
CA LYS A 20 -1.18 -2.52 2.49
C LYS A 20 -0.53 -1.70 3.61
N ASN A 21 -0.63 -2.21 4.83
CA ASN A 21 -0.05 -1.52 5.98
C ASN A 21 1.40 -1.94 6.19
N PHE A 22 2.15 -1.10 6.90
CA PHE A 22 3.55 -1.39 7.18
C PHE A 22 3.98 -0.78 8.51
N GLY A 23 5.15 -1.20 8.99
CA GLY A 23 5.65 -0.70 10.26
C GLY A 23 7.00 -0.03 10.12
N ARG A 24 7.50 0.05 8.88
CA ARG A 24 8.80 0.67 8.62
C ARG A 24 8.73 1.58 7.41
N HIS A 25 9.57 2.60 7.39
CA HIS A 25 9.61 3.55 6.28
C HIS A 25 10.07 2.87 5.00
N SER A 26 11.26 2.28 5.04
CA SER A 26 11.82 1.61 3.88
C SER A 26 10.82 0.62 3.29
N HIS A 27 10.27 -0.25 4.15
CA HIS A 27 9.30 -1.24 3.71
C HIS A 27 8.26 -0.61 2.78
N LEU A 28 7.60 0.43 3.26
CA LEU A 28 6.58 1.11 2.47
C LEU A 28 7.16 1.62 1.15
N ILE A 29 8.30 2.30 1.24
CA ILE A 29 8.96 2.85 0.06
C ILE A 29 9.00 1.81 -1.06
N GLU A 30 9.61 0.66 -0.79
CA GLU A 30 9.71 -0.41 -1.77
C GLU A 30 8.34 -0.80 -2.30
N HIS A 31 7.37 -0.89 -1.40
CA HIS A 31 6.00 -1.25 -1.77
C HIS A 31 5.45 -0.26 -2.80
N LEU A 32 5.61 1.03 -2.52
CA LEU A 32 5.12 2.07 -3.42
C LEU A 32 5.64 1.84 -4.84
N LYS A 33 6.70 1.05 -4.96
CA LYS A 33 7.30 0.76 -6.26
C LYS A 33 6.34 -0.04 -7.13
N ARG A 34 5.53 -0.89 -6.51
CA ARG A 34 4.57 -1.71 -7.24
C ARG A 34 3.64 -0.83 -8.06
N HIS A 35 3.24 0.30 -7.51
CA HIS A 35 2.35 1.22 -8.19
C HIS A 35 3.13 2.14 -9.12
N PHE A 36 4.29 1.68 -9.57
CA PHE A 36 5.14 2.47 -10.46
C PHE A 36 5.62 1.62 -11.63
N ARG A 37 6.07 0.41 -11.33
CA ARG A 37 6.57 -0.51 -12.36
C ARG A 37 5.42 -1.28 -12.99
N GLU A 38 5.75 -2.08 -14.01
CA GLU A 38 4.75 -2.88 -14.70
C GLU A 38 3.61 -2.00 -15.22
N LYS A 39 3.97 -0.94 -15.94
CA LYS A 39 2.99 -0.02 -16.50
C LYS A 39 2.00 -0.76 -17.39
N SER A 40 0.79 -0.21 -17.50
CA SER A 40 -0.24 -0.82 -18.34
C SER A 40 -0.70 -2.15 -17.74
N SER A 41 -0.85 -2.19 -16.42
CA SER A 41 -1.29 -3.40 -15.74
C SER A 41 -1.90 -3.06 -14.38
N GLY A 42 -3.11 -3.54 -14.14
CA GLY A 42 -3.79 -3.28 -12.88
C GLY A 42 -5.16 -2.69 -13.07
N PRO A 43 -5.75 -2.19 -11.98
CA PRO A 43 -7.09 -1.58 -12.00
C PRO A 43 -7.10 -0.25 -12.75
N SER A 44 -8.04 -0.11 -13.68
CA SER A 44 -8.16 1.12 -14.46
C SER A 44 -9.23 2.03 -13.87
N SER A 45 -8.99 3.34 -13.94
CA SER A 45 -9.93 4.32 -13.41
C SER A 45 -10.61 3.80 -12.15
N GLY A 46 -9.82 3.17 -11.28
CA GLY A 46 -10.36 2.63 -10.04
C GLY A 46 -9.39 2.79 -8.88
N GLY A 1 -5.44 -19.34 5.65
CA GLY A 1 -6.74 -18.77 5.36
C GLY A 1 -7.34 -18.09 6.58
N SER A 2 -6.52 -17.35 7.31
CA SER A 2 -6.98 -16.66 8.51
C SER A 2 -6.63 -15.17 8.44
N SER A 3 -7.61 -14.32 8.75
CA SER A 3 -7.41 -12.88 8.72
C SER A 3 -6.78 -12.39 10.03
N GLY A 4 -6.16 -11.22 9.98
CA GLY A 4 -5.53 -10.66 11.16
C GLY A 4 -4.87 -9.32 10.89
N SER A 5 -5.47 -8.25 11.41
CA SER A 5 -4.94 -6.91 11.22
C SER A 5 -4.00 -6.53 12.36
N SER A 6 -2.71 -6.38 12.03
CA SER A 6 -1.70 -6.02 13.02
C SER A 6 -0.47 -5.43 12.35
N GLY A 7 0.45 -4.92 13.16
CA GLY A 7 1.66 -4.32 12.63
C GLY A 7 2.26 -3.30 13.57
N SER A 8 3.59 -3.22 13.59
CA SER A 8 4.28 -2.27 14.45
C SER A 8 3.64 -0.89 14.38
N GLY A 9 3.28 -0.35 15.54
CA GLY A 9 2.65 0.97 15.59
C GLY A 9 1.23 0.95 15.06
N GLU A 10 0.67 2.13 14.83
CA GLU A 10 -0.69 2.25 14.32
C GLU A 10 -0.71 2.25 12.80
N ARG A 11 0.13 1.40 12.20
CA ARG A 11 0.21 1.31 10.76
C ARG A 11 0.02 2.68 10.10
N PRO A 12 0.81 3.66 10.55
CA PRO A 12 0.74 5.04 10.04
C PRO A 12 1.26 5.13 8.60
N TYR A 13 1.81 4.04 8.10
CA TYR A 13 2.34 4.00 6.74
C TYR A 13 1.37 3.34 5.78
N GLY A 14 0.07 3.53 6.04
CA GLY A 14 -0.95 2.93 5.20
C GLY A 14 -0.85 3.39 3.76
N CYS A 15 -1.37 2.59 2.84
CA CYS A 15 -1.34 2.92 1.42
C CYS A 15 -2.73 3.29 0.91
N ASN A 16 -2.81 4.36 0.14
CA ASN A 16 -4.08 4.81 -0.42
C ASN A 16 -4.14 4.56 -1.92
N GLU A 17 -3.70 3.38 -2.34
CA GLU A 17 -3.71 3.01 -3.75
C GLU A 17 -4.32 1.63 -3.95
N CYS A 18 -3.79 0.64 -3.24
CA CYS A 18 -4.29 -0.72 -3.34
C CYS A 18 -5.00 -1.14 -2.05
N GLY A 19 -4.38 -0.82 -0.91
CA GLY A 19 -4.96 -1.17 0.37
C GLY A 19 -4.03 -2.01 1.22
N LYS A 20 -2.79 -1.54 1.38
CA LYS A 20 -1.80 -2.27 2.16
C LYS A 20 -1.21 -1.36 3.25
N ASN A 21 -0.89 -1.95 4.39
CA ASN A 21 -0.32 -1.20 5.51
C ASN A 21 1.02 -1.79 5.94
N PHE A 22 1.83 -0.98 6.60
CA PHE A 22 3.14 -1.43 7.07
C PHE A 22 3.53 -0.71 8.35
N GLY A 23 4.69 -1.07 8.91
CA GLY A 23 5.15 -0.46 10.14
C GLY A 23 6.37 0.41 9.91
N ARG A 24 7.39 -0.15 9.27
CA ARG A 24 8.63 0.57 9.00
C ARG A 24 8.42 1.57 7.86
N HIS A 25 9.38 2.49 7.71
CA HIS A 25 9.31 3.51 6.66
C HIS A 25 9.60 2.89 5.30
N SER A 26 10.71 2.16 5.20
CA SER A 26 11.09 1.53 3.94
C SER A 26 10.00 0.59 3.45
N HIS A 27 9.51 -0.26 4.33
CA HIS A 27 8.46 -1.21 3.98
C HIS A 27 7.43 -0.56 3.07
N LEU A 28 7.02 0.66 3.41
CA LEU A 28 6.04 1.39 2.61
C LEU A 28 6.62 1.80 1.27
N ILE A 29 7.71 2.56 1.30
CA ILE A 29 8.37 3.02 0.09
C ILE A 29 8.47 1.89 -0.93
N GLU A 30 9.15 0.81 -0.56
CA GLU A 30 9.33 -0.33 -1.45
C GLU A 30 7.98 -0.79 -2.01
N HIS A 31 7.01 -0.99 -1.12
CA HIS A 31 5.68 -1.42 -1.53
C HIS A 31 5.13 -0.53 -2.63
N LEU A 32 5.29 0.78 -2.46
CA LEU A 32 4.81 1.75 -3.44
C LEU A 32 5.50 1.55 -4.79
N LYS A 33 6.80 1.26 -4.74
CA LYS A 33 7.57 1.04 -5.96
C LYS A 33 6.77 0.25 -6.99
N ARG A 34 6.08 -0.79 -6.53
CA ARG A 34 5.28 -1.61 -7.41
C ARG A 34 4.29 -0.76 -8.21
N HIS A 35 3.41 -0.06 -7.50
CA HIS A 35 2.42 0.78 -8.14
C HIS A 35 3.06 1.67 -9.21
N PHE A 36 4.01 2.49 -8.78
CA PHE A 36 4.71 3.39 -9.70
C PHE A 36 5.26 2.63 -10.90
N ARG A 37 5.87 1.48 -10.63
CA ARG A 37 6.44 0.65 -11.69
C ARG A 37 5.33 0.06 -12.57
N GLU A 38 5.66 -0.17 -13.84
CA GLU A 38 4.69 -0.73 -14.78
C GLU A 38 4.82 -2.25 -14.84
N LYS A 39 4.18 -2.93 -13.88
CA LYS A 39 4.22 -4.39 -13.83
C LYS A 39 3.95 -4.99 -15.19
N SER A 40 4.97 -5.59 -15.80
CA SER A 40 4.82 -6.21 -17.11
C SER A 40 5.22 -7.68 -17.06
N SER A 41 4.80 -8.36 -16.01
CA SER A 41 5.11 -9.78 -15.84
C SER A 41 3.82 -10.61 -15.74
N GLY A 42 3.29 -10.99 -16.90
CA GLY A 42 2.07 -11.78 -16.92
C GLY A 42 0.85 -10.99 -16.48
N PRO A 43 -0.19 -11.70 -16.05
CA PRO A 43 -1.43 -11.07 -15.60
C PRO A 43 -1.26 -10.34 -14.27
N SER A 44 -2.23 -9.48 -13.95
CA SER A 44 -2.18 -8.71 -12.71
C SER A 44 -3.19 -9.24 -11.70
N SER A 45 -3.27 -10.56 -11.59
CA SER A 45 -4.21 -11.20 -10.66
C SER A 45 -3.67 -12.53 -10.17
N GLY A 46 -3.62 -12.71 -8.86
CA GLY A 46 -3.12 -13.93 -8.29
C GLY A 46 -1.80 -13.75 -7.57
N GLY A 1 -19.47 11.64 10.83
CA GLY A 1 -18.87 10.45 11.41
C GLY A 1 -17.97 10.78 12.59
N SER A 2 -17.32 9.76 13.13
CA SER A 2 -16.42 9.94 14.26
C SER A 2 -15.00 9.50 13.92
N SER A 3 -14.87 8.24 13.50
CA SER A 3 -13.56 7.70 13.14
C SER A 3 -12.49 8.18 14.10
N GLY A 4 -12.82 8.20 15.39
CA GLY A 4 -11.87 8.66 16.39
C GLY A 4 -10.52 7.96 16.26
N SER A 5 -10.50 6.66 16.50
CA SER A 5 -9.26 5.89 16.41
C SER A 5 -9.11 5.27 15.02
N SER A 6 -8.58 6.04 14.09
CA SER A 6 -8.39 5.56 12.72
C SER A 6 -6.91 5.46 12.39
N GLY A 7 -6.15 6.47 12.78
CA GLY A 7 -4.71 6.47 12.51
C GLY A 7 -3.96 7.41 13.43
N SER A 8 -3.81 7.01 14.69
CA SER A 8 -3.10 7.82 15.67
C SER A 8 -1.65 7.38 15.81
N GLY A 9 -1.46 6.11 16.16
CA GLY A 9 -0.12 5.58 16.32
C GLY A 9 -0.02 4.12 15.93
N GLU A 10 -0.64 3.77 14.81
CA GLU A 10 -0.63 2.39 14.33
C GLU A 10 -0.72 2.35 12.80
N ARG A 11 0.05 1.45 12.20
CA ARG A 11 0.07 1.31 10.75
C ARG A 11 -0.11 2.65 10.07
N PRO A 12 0.75 3.61 10.43
CA PRO A 12 0.72 4.96 9.87
C PRO A 12 1.15 5.00 8.40
N TYR A 13 1.91 3.99 7.99
CA TYR A 13 2.39 3.90 6.61
C TYR A 13 1.36 3.20 5.73
N GLY A 14 0.09 3.45 6.00
CA GLY A 14 -0.98 2.84 5.22
C GLY A 14 -1.00 3.34 3.79
N CYS A 15 -1.25 2.44 2.85
CA CYS A 15 -1.31 2.79 1.44
C CYS A 15 -2.74 3.08 1.00
N ASN A 16 -2.94 4.24 0.40
CA ASN A 16 -4.27 4.63 -0.07
C ASN A 16 -4.39 4.45 -1.58
N GLU A 17 -3.86 3.34 -2.08
CA GLU A 17 -3.90 3.06 -3.51
C GLU A 17 -4.45 1.66 -3.77
N CYS A 18 -3.95 0.69 -3.02
CA CYS A 18 -4.39 -0.70 -3.16
C CYS A 18 -4.98 -1.22 -1.86
N GLY A 19 -4.30 -0.94 -0.75
CA GLY A 19 -4.78 -1.39 0.55
C GLY A 19 -3.75 -2.22 1.29
N LYS A 20 -2.52 -1.73 1.34
CA LYS A 20 -1.44 -2.43 2.02
C LYS A 20 -0.69 -1.49 2.96
N ASN A 21 -0.79 -1.75 4.27
CA ASN A 21 -0.13 -0.93 5.26
C ASN A 21 1.19 -1.57 5.71
N PHE A 22 1.95 -0.85 6.53
CA PHE A 22 3.23 -1.34 7.02
C PHE A 22 3.63 -0.62 8.30
N GLY A 23 4.39 -1.31 9.15
CA GLY A 23 4.83 -0.72 10.40
C GLY A 23 6.23 -0.15 10.32
N ARG A 24 6.75 -0.04 9.10
CA ARG A 24 8.08 0.49 8.88
C ARG A 24 8.09 1.53 7.76
N HIS A 25 9.16 2.31 7.68
CA HIS A 25 9.29 3.34 6.66
C HIS A 25 9.72 2.73 5.32
N SER A 26 10.86 2.05 5.34
CA SER A 26 11.39 1.43 4.13
C SER A 26 10.35 0.51 3.49
N HIS A 27 9.68 -0.28 4.32
CA HIS A 27 8.67 -1.21 3.85
C HIS A 27 7.70 -0.51 2.89
N LEU A 28 7.18 0.63 3.33
CA LEU A 28 6.24 1.40 2.51
C LEU A 28 6.89 1.86 1.21
N ILE A 29 8.07 2.45 1.33
CA ILE A 29 8.80 2.93 0.16
C ILE A 29 8.78 1.89 -0.97
N GLU A 30 9.43 0.75 -0.72
CA GLU A 30 9.48 -0.32 -1.70
C GLU A 30 8.09 -0.66 -2.22
N HIS A 31 7.14 -0.81 -1.30
CA HIS A 31 5.77 -1.14 -1.65
C HIS A 31 5.24 -0.17 -2.71
N LEU A 32 5.52 1.11 -2.53
CA LEU A 32 5.08 2.13 -3.47
C LEU A 32 5.62 1.87 -4.87
N LYS A 33 6.72 1.12 -4.94
CA LYS A 33 7.33 0.78 -6.22
C LYS A 33 6.34 0.08 -7.13
N ARG A 34 5.81 -1.05 -6.67
CA ARG A 34 4.85 -1.82 -7.45
C ARG A 34 3.81 -0.91 -8.07
N HIS A 35 3.48 0.18 -7.37
CA HIS A 35 2.49 1.13 -7.86
C HIS A 35 3.14 2.16 -8.80
N PHE A 36 4.12 1.70 -9.57
CA PHE A 36 4.83 2.58 -10.50
C PHE A 36 4.96 1.92 -11.87
N ARG A 37 5.29 0.64 -11.87
CA ARG A 37 5.46 -0.11 -13.10
C ARG A 37 4.13 -0.72 -13.55
N GLU A 38 3.06 0.07 -13.48
CA GLU A 38 1.74 -0.40 -13.88
C GLU A 38 1.60 -0.42 -15.39
N LYS A 39 0.99 -1.48 -15.92
CA LYS A 39 0.79 -1.62 -17.35
C LYS A 39 0.18 -0.36 -17.95
N SER A 40 -1.00 0.02 -17.44
CA SER A 40 -1.69 1.20 -17.92
C SER A 40 -1.74 2.28 -16.84
N SER A 41 -0.66 3.03 -16.71
CA SER A 41 -0.58 4.09 -15.71
C SER A 41 -0.99 5.44 -16.31
N GLY A 42 -0.17 5.95 -17.21
CA GLY A 42 -0.46 7.21 -17.85
C GLY A 42 -1.89 7.30 -18.36
N PRO A 43 -2.19 6.52 -19.41
CA PRO A 43 -3.53 6.49 -20.01
C PRO A 43 -4.56 5.83 -19.10
N SER A 44 -5.73 6.46 -18.99
CA SER A 44 -6.79 5.94 -18.16
C SER A 44 -8.05 5.68 -18.97
N SER A 45 -8.75 4.61 -18.64
CA SER A 45 -9.98 4.24 -19.36
C SER A 45 -10.93 5.43 -19.45
N GLY A 46 -10.89 6.12 -20.58
CA GLY A 46 -11.76 7.27 -20.78
C GLY A 46 -11.62 8.30 -19.66
N GLY A 1 -9.37 -12.79 4.15
CA GLY A 1 -10.02 -11.86 5.05
C GLY A 1 -10.19 -12.43 6.44
N SER A 2 -11.27 -13.18 6.65
CA SER A 2 -11.56 -13.79 7.94
C SER A 2 -10.27 -14.23 8.62
N SER A 3 -9.42 -14.93 7.88
CA SER A 3 -8.15 -15.41 8.43
C SER A 3 -7.58 -14.41 9.43
N GLY A 4 -7.49 -13.15 9.02
CA GLY A 4 -6.96 -12.12 9.89
C GLY A 4 -5.46 -11.95 9.74
N SER A 5 -5.01 -10.69 9.76
CA SER A 5 -3.59 -10.39 9.61
C SER A 5 -2.98 -10.01 10.95
N SER A 6 -1.65 -9.89 10.98
CA SER A 6 -0.94 -9.54 12.20
C SER A 6 -0.38 -8.13 12.11
N GLY A 7 -0.56 -7.37 13.18
CA GLY A 7 -0.07 -6.00 13.20
C GLY A 7 -0.10 -5.40 14.60
N SER A 8 1.07 -4.96 15.08
CA SER A 8 1.17 -4.36 16.41
C SER A 8 -0.07 -3.56 16.74
N GLY A 9 -0.33 -2.52 15.94
CA GLY A 9 -1.48 -1.68 16.16
C GLY A 9 -1.47 -0.42 15.31
N GLU A 10 -0.62 0.52 15.67
CA GLU A 10 -0.51 1.78 14.94
C GLU A 10 0.07 1.54 13.55
N ARG A 11 -0.66 1.96 12.52
CA ARG A 11 -0.22 1.79 11.14
C ARG A 11 -0.12 3.14 10.43
N PRO A 12 0.98 3.87 10.69
CA PRO A 12 1.22 5.19 10.09
C PRO A 12 1.51 5.09 8.59
N TYR A 13 1.84 3.89 8.13
CA TYR A 13 2.14 3.68 6.73
C TYR A 13 1.08 2.79 6.08
N GLY A 14 -0.05 3.38 5.75
CA GLY A 14 -1.13 2.64 5.12
C GLY A 14 -1.43 3.12 3.71
N CYS A 15 -0.73 2.57 2.74
CA CYS A 15 -0.91 2.94 1.34
C CYS A 15 -2.39 3.11 1.02
N ASN A 16 -2.69 3.96 0.04
CA ASN A 16 -4.07 4.22 -0.36
C ASN A 16 -4.33 3.64 -1.75
N GLU A 17 -3.37 3.82 -2.66
CA GLU A 17 -3.51 3.32 -4.02
C GLU A 17 -4.13 1.93 -4.03
N CYS A 18 -3.66 1.07 -3.14
CA CYS A 18 -4.16 -0.29 -3.04
C CYS A 18 -4.75 -0.56 -1.67
N GLY A 19 -4.06 -0.09 -0.63
CA GLY A 19 -4.53 -0.29 0.72
C GLY A 19 -3.70 -1.30 1.49
N LYS A 20 -2.44 -0.95 1.75
CA LYS A 20 -1.53 -1.82 2.48
C LYS A 20 -0.88 -1.09 3.65
N ASN A 21 -0.82 -1.74 4.80
CA ASN A 21 -0.23 -1.16 5.99
C ASN A 21 1.13 -1.78 6.28
N PHE A 22 2.00 -1.03 6.96
CA PHE A 22 3.32 -1.50 7.31
C PHE A 22 3.81 -0.86 8.60
N GLY A 23 4.81 -1.49 9.23
CA GLY A 23 5.35 -0.96 10.46
C GLY A 23 6.67 -0.25 10.26
N ARG A 24 6.90 0.23 9.04
CA ARG A 24 8.14 0.93 8.72
C ARG A 24 7.94 1.86 7.53
N HIS A 25 8.59 3.02 7.56
CA HIS A 25 8.49 4.00 6.49
C HIS A 25 9.20 3.50 5.23
N SER A 26 9.94 2.40 5.38
CA SER A 26 10.67 1.82 4.26
C SER A 26 9.80 0.85 3.47
N HIS A 27 9.25 -0.14 4.18
CA HIS A 27 8.39 -1.13 3.55
C HIS A 27 7.37 -0.47 2.64
N LEU A 28 6.76 0.61 3.11
CA LEU A 28 5.76 1.34 2.34
C LEU A 28 6.35 1.84 1.03
N ILE A 29 7.62 2.23 1.07
CA ILE A 29 8.30 2.74 -0.11
C ILE A 29 8.44 1.65 -1.18
N GLU A 30 9.24 0.63 -0.87
CA GLU A 30 9.45 -0.47 -1.80
C GLU A 30 8.13 -0.99 -2.36
N HIS A 31 7.08 -0.94 -1.52
CA HIS A 31 5.76 -1.40 -1.93
C HIS A 31 5.14 -0.44 -2.94
N LEU A 32 5.49 0.84 -2.82
CA LEU A 32 4.96 1.87 -3.71
C LEU A 32 5.67 1.82 -5.06
N LYS A 33 6.84 1.19 -5.09
CA LYS A 33 7.61 1.07 -6.32
C LYS A 33 6.93 0.15 -7.31
N ARG A 34 6.33 -0.92 -6.80
CA ARG A 34 5.63 -1.89 -7.65
C ARG A 34 4.47 -1.22 -8.38
N HIS A 35 3.67 -0.45 -7.65
CA HIS A 35 2.53 0.24 -8.24
C HIS A 35 2.92 0.95 -9.53
N PHE A 36 4.12 1.52 -9.54
CA PHE A 36 4.62 2.23 -10.71
C PHE A 36 4.79 1.29 -11.89
N ARG A 37 5.57 0.25 -11.70
CA ARG A 37 5.82 -0.74 -12.75
C ARG A 37 4.53 -1.44 -13.14
N GLU A 38 3.90 -2.09 -12.17
CA GLU A 38 2.65 -2.81 -12.42
C GLU A 38 1.81 -2.09 -13.47
N LYS A 39 1.76 -2.67 -14.66
CA LYS A 39 0.99 -2.08 -15.76
C LYS A 39 -0.05 -3.08 -16.30
N SER A 40 -0.67 -3.83 -15.38
CA SER A 40 -1.67 -4.81 -15.77
C SER A 40 -2.78 -4.17 -16.60
N SER A 41 -3.50 -3.23 -15.98
CA SER A 41 -4.59 -2.55 -16.66
C SER A 41 -4.07 -1.31 -17.41
N GLY A 42 -3.29 -0.50 -16.72
CA GLY A 42 -2.75 0.71 -17.33
C GLY A 42 -2.79 1.90 -16.39
N PRO A 43 -2.75 3.11 -16.98
CA PRO A 43 -2.78 4.36 -16.20
C PRO A 43 -4.14 4.61 -15.56
N SER A 44 -5.21 4.31 -16.30
CA SER A 44 -6.56 4.51 -15.81
C SER A 44 -6.64 5.73 -14.90
N SER A 45 -6.04 6.84 -15.36
CA SER A 45 -6.05 8.07 -14.60
C SER A 45 -7.39 8.29 -13.90
N GLY A 46 -8.47 8.06 -14.64
CA GLY A 46 -9.80 8.23 -14.07
C GLY A 46 -9.93 9.52 -13.28
N GLY A 1 -16.62 2.69 -3.35
CA GLY A 1 -15.84 1.56 -2.89
C GLY A 1 -14.66 1.96 -2.04
N SER A 2 -14.92 2.68 -0.96
CA SER A 2 -13.87 3.14 -0.06
C SER A 2 -14.14 2.68 1.37
N SER A 3 -13.06 2.42 2.11
CA SER A 3 -13.18 1.97 3.49
C SER A 3 -12.25 2.78 4.40
N GLY A 4 -12.79 3.86 4.96
CA GLY A 4 -11.99 4.71 5.85
C GLY A 4 -11.46 3.94 7.04
N SER A 5 -12.19 3.97 8.14
CA SER A 5 -11.77 3.28 9.36
C SER A 5 -10.42 3.80 9.84
N SER A 6 -10.26 5.12 9.82
CA SER A 6 -9.02 5.74 10.25
C SER A 6 -9.12 6.18 11.71
N GLY A 7 -8.17 5.70 12.52
CA GLY A 7 -8.16 6.04 13.93
C GLY A 7 -7.16 5.23 14.72
N SER A 8 -7.40 5.10 16.03
CA SER A 8 -6.50 4.35 16.90
C SER A 8 -6.27 2.94 16.36
N GLY A 9 -5.07 2.42 16.59
CA GLY A 9 -4.76 1.08 16.12
C GLY A 9 -4.61 1.01 14.60
N GLU A 10 -3.66 1.75 14.07
CA GLU A 10 -3.42 1.79 12.63
C GLU A 10 -2.02 2.32 12.32
N ARG A 11 -1.28 1.57 11.51
CA ARG A 11 0.07 1.97 11.13
C ARG A 11 0.06 3.28 10.36
N PRO A 12 1.08 4.11 10.57
CA PRO A 12 1.21 5.40 9.90
C PRO A 12 1.51 5.26 8.42
N TYR A 13 2.18 4.17 8.05
CA TYR A 13 2.53 3.91 6.66
C TYR A 13 1.42 3.17 5.95
N GLY A 14 0.18 3.65 6.11
CA GLY A 14 -0.95 3.02 5.47
C GLY A 14 -1.14 3.47 4.03
N CYS A 15 -1.02 2.53 3.10
CA CYS A 15 -1.18 2.84 1.68
C CYS A 15 -2.65 2.91 1.30
N ASN A 16 -2.97 3.78 0.35
CA ASN A 16 -4.35 3.95 -0.12
C ASN A 16 -4.53 3.36 -1.51
N GLU A 17 -3.48 3.43 -2.32
CA GLU A 17 -3.53 2.90 -3.67
C GLU A 17 -4.18 1.52 -3.70
N CYS A 18 -3.76 0.66 -2.79
CA CYS A 18 -4.30 -0.69 -2.70
C CYS A 18 -4.87 -0.96 -1.31
N GLY A 19 -4.19 -0.47 -0.29
CA GLY A 19 -4.64 -0.66 1.08
C GLY A 19 -3.72 -1.57 1.87
N LYS A 20 -2.42 -1.43 1.65
CA LYS A 20 -1.43 -2.24 2.35
C LYS A 20 -0.62 -1.39 3.33
N ASN A 21 -0.68 -1.75 4.61
CA ASN A 21 0.05 -1.02 5.64
C ASN A 21 1.42 -1.65 5.89
N PHE A 22 2.24 -0.97 6.67
CA PHE A 22 3.58 -1.47 6.99
C PHE A 22 4.10 -0.83 8.28
N GLY A 23 4.99 -1.55 8.97
CA GLY A 23 5.54 -1.05 10.21
C GLY A 23 6.95 -0.52 10.03
N ARG A 24 7.30 -0.17 8.80
CA ARG A 24 8.63 0.35 8.51
C ARG A 24 8.59 1.35 7.37
N HIS A 25 9.27 2.48 7.54
CA HIS A 25 9.30 3.52 6.51
C HIS A 25 9.75 2.95 5.17
N SER A 26 10.89 2.28 5.18
CA SER A 26 11.43 1.69 3.95
C SER A 26 10.43 0.72 3.33
N HIS A 27 9.91 -0.19 4.15
CA HIS A 27 8.94 -1.17 3.68
C HIS A 27 7.87 -0.52 2.82
N LEU A 28 7.37 0.62 3.27
CA LEU A 28 6.34 1.35 2.54
C LEU A 28 6.88 1.88 1.22
N ILE A 29 8.02 2.57 1.28
CA ILE A 29 8.65 3.12 0.09
C ILE A 29 8.69 2.09 -1.03
N GLU A 30 9.48 1.04 -0.83
CA GLU A 30 9.61 -0.02 -1.83
C GLU A 30 8.24 -0.49 -2.31
N HIS A 31 7.32 -0.66 -1.37
CA HIS A 31 5.97 -1.11 -1.70
C HIS A 31 5.34 -0.19 -2.74
N LEU A 32 5.39 1.11 -2.48
CA LEU A 32 4.82 2.09 -3.40
C LEU A 32 5.32 1.87 -4.82
N LYS A 33 6.47 1.22 -4.94
CA LYS A 33 7.06 0.93 -6.25
C LYS A 33 6.11 0.08 -7.10
N ARG A 34 5.75 -1.08 -6.58
CA ARG A 34 4.85 -1.99 -7.29
C ARG A 34 3.73 -1.21 -7.98
N HIS A 35 3.28 -0.14 -7.34
CA HIS A 35 2.21 0.68 -7.89
C HIS A 35 2.75 1.61 -8.98
N PHE A 36 3.78 2.38 -8.64
CA PHE A 36 4.38 3.31 -9.58
C PHE A 36 4.85 2.58 -10.85
N ARG A 37 5.70 1.58 -10.66
CA ARG A 37 6.22 0.81 -11.78
C ARG A 37 5.15 0.65 -12.86
N GLU A 38 5.42 1.21 -14.04
CA GLU A 38 4.48 1.12 -15.16
C GLU A 38 4.98 0.15 -16.21
N LYS A 39 4.07 -0.34 -17.04
CA LYS A 39 4.42 -1.28 -18.10
C LYS A 39 5.20 -0.58 -19.21
N SER A 40 6.27 -1.22 -19.67
CA SER A 40 7.10 -0.67 -20.74
C SER A 40 7.69 -1.78 -21.60
N SER A 41 7.55 -1.62 -22.92
CA SER A 41 8.06 -2.61 -23.86
C SER A 41 9.59 -2.54 -23.94
N GLY A 42 10.26 -3.22 -23.01
CA GLY A 42 11.70 -3.23 -22.99
C GLY A 42 12.27 -4.52 -22.43
N PRO A 43 13.61 -4.61 -22.35
CA PRO A 43 14.30 -5.78 -21.83
C PRO A 43 14.10 -5.96 -20.34
N SER A 44 14.69 -7.02 -19.78
CA SER A 44 14.58 -7.31 -18.36
C SER A 44 15.88 -7.00 -17.64
N SER A 45 15.85 -7.04 -16.31
CA SER A 45 17.03 -6.76 -15.50
C SER A 45 17.74 -8.05 -15.11
N GLY A 46 17.84 -8.98 -16.06
CA GLY A 46 18.50 -10.24 -15.81
C GLY A 46 20.01 -10.10 -15.69
N GLY A 1 -25.97 -10.92 16.27
CA GLY A 1 -24.56 -10.67 16.54
C GLY A 1 -24.23 -9.20 16.62
N SER A 2 -23.97 -8.59 15.46
CA SER A 2 -23.64 -7.17 15.40
C SER A 2 -22.42 -6.86 16.28
N SER A 3 -21.42 -7.72 16.20
CA SER A 3 -20.21 -7.55 16.99
C SER A 3 -18.96 -7.79 16.13
N GLY A 4 -17.79 -7.58 16.74
CA GLY A 4 -16.55 -7.79 16.01
C GLY A 4 -15.33 -7.46 16.85
N SER A 5 -14.16 -7.87 16.38
CA SER A 5 -12.91 -7.61 17.10
C SER A 5 -11.92 -6.86 16.21
N SER A 6 -12.00 -5.53 16.24
CA SER A 6 -11.11 -4.69 15.44
C SER A 6 -9.75 -4.57 16.10
N GLY A 7 -8.71 -4.42 15.28
CA GLY A 7 -7.37 -4.29 15.79
C GLY A 7 -7.05 -2.88 16.25
N SER A 8 -5.80 -2.65 16.63
CA SER A 8 -5.37 -1.33 17.08
C SER A 8 -5.07 -0.41 15.91
N GLY A 9 -4.95 0.88 16.18
CA GLY A 9 -4.66 1.84 15.14
C GLY A 9 -3.23 2.35 15.19
N GLU A 10 -2.29 1.48 14.85
CA GLU A 10 -0.88 1.85 14.87
C GLU A 10 -0.23 1.58 13.51
N ARG A 11 -0.84 2.14 12.46
CA ARG A 11 -0.32 1.96 11.11
C ARG A 11 -0.14 3.31 10.42
N PRO A 12 0.98 3.99 10.73
CA PRO A 12 1.30 5.29 10.15
C PRO A 12 1.65 5.20 8.67
N TYR A 13 2.10 4.03 8.25
CA TYR A 13 2.47 3.82 6.85
C TYR A 13 1.40 3.02 6.13
N GLY A 14 0.46 3.73 5.51
CA GLY A 14 -0.61 3.08 4.78
C GLY A 14 -0.60 3.42 3.30
N CYS A 15 -1.16 2.54 2.49
CA CYS A 15 -1.22 2.74 1.05
C CYS A 15 -2.67 2.73 0.54
N ASN A 16 -3.36 3.84 0.71
CA ASN A 16 -4.75 3.95 0.28
C ASN A 16 -4.89 3.54 -1.18
N GLU A 17 -3.89 3.88 -1.99
CA GLU A 17 -3.91 3.55 -3.40
C GLU A 17 -4.53 2.17 -3.63
N CYS A 18 -3.89 1.14 -3.07
CA CYS A 18 -4.37 -0.22 -3.22
C CYS A 18 -5.00 -0.72 -1.93
N GLY A 19 -4.33 -0.45 -0.81
CA GLY A 19 -4.82 -0.88 0.48
C GLY A 19 -3.88 -1.83 1.19
N LYS A 20 -2.72 -1.31 1.57
CA LYS A 20 -1.72 -2.13 2.27
C LYS A 20 -0.83 -1.26 3.15
N ASN A 21 -0.84 -1.55 4.45
CA ASN A 21 -0.03 -0.79 5.40
C ASN A 21 1.25 -1.55 5.76
N PHE A 22 2.09 -0.92 6.57
CA PHE A 22 3.34 -1.54 6.99
C PHE A 22 3.81 -0.98 8.32
N GLY A 23 4.85 -1.58 8.89
CA GLY A 23 5.38 -1.13 10.16
C GLY A 23 6.59 -0.24 10.00
N ARG A 24 7.40 -0.52 9.00
CA ARG A 24 8.60 0.27 8.74
C ARG A 24 8.34 1.34 7.69
N HIS A 25 8.99 2.49 7.85
CA HIS A 25 8.81 3.60 6.92
C HIS A 25 9.30 3.21 5.52
N SER A 26 10.51 2.68 5.45
CA SER A 26 11.09 2.26 4.17
C SER A 26 10.21 1.22 3.49
N HIS A 27 9.98 0.10 4.17
CA HIS A 27 9.15 -0.97 3.63
C HIS A 27 7.98 -0.41 2.84
N LEU A 28 7.36 0.65 3.37
CA LEU A 28 6.22 1.28 2.71
C LEU A 28 6.62 1.85 1.36
N ILE A 29 7.75 2.57 1.34
CA ILE A 29 8.25 3.16 0.10
C ILE A 29 8.42 2.12 -0.99
N GLU A 30 8.89 0.93 -0.60
CA GLU A 30 9.09 -0.16 -1.54
C GLU A 30 7.76 -0.65 -2.10
N HIS A 31 6.82 -0.95 -1.21
CA HIS A 31 5.51 -1.43 -1.61
C HIS A 31 4.90 -0.53 -2.68
N LEU A 32 5.44 0.68 -2.80
CA LEU A 32 4.95 1.65 -3.79
C LEU A 32 5.60 1.42 -5.14
N LYS A 33 6.89 1.08 -5.12
CA LYS A 33 7.63 0.82 -6.35
C LYS A 33 6.81 0.00 -7.33
N ARG A 34 6.35 -1.16 -6.88
CA ARG A 34 5.55 -2.06 -7.71
C ARG A 34 4.47 -1.27 -8.44
N HIS A 35 3.69 -0.50 -7.69
CA HIS A 35 2.61 0.30 -8.26
C HIS A 35 3.12 1.13 -9.44
N PHE A 36 4.03 2.06 -9.16
CA PHE A 36 4.58 2.92 -10.18
C PHE A 36 4.94 2.11 -11.44
N ARG A 37 5.61 0.98 -11.22
CA ARG A 37 6.01 0.12 -12.32
C ARG A 37 4.83 -0.69 -12.85
N GLU A 38 4.02 -0.05 -13.70
CA GLU A 38 2.85 -0.71 -14.28
C GLU A 38 2.58 -0.20 -15.70
N LYS A 39 1.81 -0.97 -16.45
CA LYS A 39 1.46 -0.60 -17.82
C LYS A 39 -0.04 -0.58 -18.03
N SER A 40 -0.69 0.50 -17.61
CA SER A 40 -2.13 0.64 -17.74
C SER A 40 -2.53 2.10 -17.87
N SER A 41 -3.66 2.34 -18.54
CA SER A 41 -4.15 3.70 -18.73
C SER A 41 -5.52 3.69 -19.41
N GLY A 42 -6.44 4.50 -18.89
CA GLY A 42 -7.77 4.57 -19.45
C GLY A 42 -8.41 5.94 -19.26
N PRO A 43 -9.23 6.35 -20.24
CA PRO A 43 -9.92 7.64 -20.20
C PRO A 43 -11.00 7.69 -19.13
N SER A 44 -11.53 6.52 -18.78
CA SER A 44 -12.58 6.43 -17.76
C SER A 44 -11.98 6.27 -16.37
N SER A 45 -12.75 6.65 -15.35
CA SER A 45 -12.29 6.56 -13.97
C SER A 45 -10.80 6.84 -13.87
N GLY A 46 -10.35 7.88 -14.56
CA GLY A 46 -8.94 8.24 -14.54
C GLY A 46 -8.59 9.27 -15.58
N GLY A 1 -26.40 -1.91 1.65
CA GLY A 1 -25.16 -1.62 0.98
C GLY A 1 -23.99 -2.39 1.56
N SER A 2 -22.98 -1.68 2.03
CA SER A 2 -21.79 -2.30 2.61
C SER A 2 -20.88 -1.25 3.23
N SER A 3 -20.74 -1.31 4.55
CA SER A 3 -19.89 -0.36 5.27
C SER A 3 -19.64 -0.84 6.70
N GLY A 4 -18.84 -0.07 7.44
CA GLY A 4 -18.53 -0.43 8.81
C GLY A 4 -17.48 0.48 9.42
N SER A 5 -16.47 0.83 8.63
CA SER A 5 -15.40 1.70 9.11
C SER A 5 -14.82 1.17 10.42
N SER A 6 -14.68 -0.15 10.51
CA SER A 6 -14.14 -0.78 11.71
C SER A 6 -12.64 -1.00 11.57
N GLY A 7 -11.86 -0.23 12.32
CA GLY A 7 -10.41 -0.36 12.27
C GLY A 7 -9.75 0.06 13.56
N SER A 8 -8.75 -0.71 13.99
CA SER A 8 -8.03 -0.42 15.22
C SER A 8 -6.58 -0.05 14.93
N GLY A 9 -6.13 1.07 15.49
CA GLY A 9 -4.77 1.51 15.28
C GLY A 9 -4.51 1.93 13.85
N GLU A 10 -4.59 3.23 13.59
CA GLU A 10 -4.37 3.76 12.24
C GLU A 10 -2.89 3.67 11.87
N ARG A 11 -2.48 2.50 11.40
CA ARG A 11 -1.09 2.28 11.00
C ARG A 11 -0.49 3.55 10.40
N PRO A 12 0.80 3.79 10.68
CA PRO A 12 1.52 4.97 10.19
C PRO A 12 1.76 4.90 8.68
N TYR A 13 2.32 3.77 8.24
CA TYR A 13 2.61 3.58 6.81
C TYR A 13 1.42 2.95 6.09
N GLY A 14 0.22 3.24 6.59
CA GLY A 14 -0.98 2.71 5.99
C GLY A 14 -1.16 3.17 4.55
N CYS A 15 -0.95 2.26 3.61
CA CYS A 15 -1.08 2.59 2.19
C CYS A 15 -2.55 2.61 1.78
N ASN A 16 -2.89 3.51 0.87
CA ASN A 16 -4.27 3.65 0.40
C ASN A 16 -4.39 3.19 -1.05
N GLU A 17 -3.38 3.54 -1.85
CA GLU A 17 -3.38 3.17 -3.27
C GLU A 17 -3.93 1.76 -3.46
N CYS A 18 -3.37 0.80 -2.73
CA CYS A 18 -3.81 -0.58 -2.83
C CYS A 18 -4.47 -1.03 -1.53
N GLY A 19 -3.90 -0.61 -0.40
CA GLY A 19 -4.45 -0.98 0.89
C GLY A 19 -3.57 -1.96 1.64
N LYS A 20 -2.31 -1.60 1.82
CA LYS A 20 -1.36 -2.46 2.52
C LYS A 20 -0.57 -1.67 3.56
N ASN A 21 -0.73 -2.04 4.82
CA ASN A 21 -0.04 -1.38 5.92
C ASN A 21 1.35 -1.95 6.12
N PHE A 22 2.24 -1.18 6.74
CA PHE A 22 3.60 -1.61 6.99
C PHE A 22 4.10 -1.08 8.33
N GLY A 23 5.28 -1.54 8.74
CA GLY A 23 5.85 -1.10 10.01
C GLY A 23 7.14 -0.32 9.82
N ARG A 24 7.82 -0.56 8.70
CA ARG A 24 9.07 0.11 8.40
C ARG A 24 8.88 1.17 7.31
N HIS A 25 9.66 2.24 7.39
CA HIS A 25 9.58 3.32 6.41
C HIS A 25 9.88 2.80 5.01
N SER A 26 10.99 2.07 4.89
CA SER A 26 11.41 1.52 3.60
C SER A 26 10.31 0.61 3.02
N HIS A 27 9.89 -0.37 3.81
CA HIS A 27 8.85 -1.30 3.37
C HIS A 27 7.80 -0.58 2.54
N LEU A 28 7.28 0.51 3.08
CA LEU A 28 6.25 1.29 2.38
C LEU A 28 6.80 1.87 1.08
N ILE A 29 7.87 2.65 1.19
CA ILE A 29 8.49 3.26 0.02
C ILE A 29 8.65 2.24 -1.11
N GLU A 30 9.44 1.20 -0.86
CA GLU A 30 9.67 0.18 -1.86
C GLU A 30 8.36 -0.40 -2.36
N HIS A 31 7.43 -0.67 -1.44
CA HIS A 31 6.14 -1.22 -1.80
C HIS A 31 5.41 -0.32 -2.80
N LEU A 32 5.43 0.98 -2.54
CA LEU A 32 4.79 1.94 -3.43
C LEU A 32 5.33 1.84 -4.84
N LYS A 33 6.56 1.33 -4.96
CA LYS A 33 7.19 1.17 -6.27
C LYS A 33 6.28 0.43 -7.23
N ARG A 34 5.76 -0.71 -6.79
CA ARG A 34 4.87 -1.52 -7.62
C ARG A 34 3.82 -0.64 -8.29
N HIS A 35 2.97 -0.02 -7.49
CA HIS A 35 1.92 0.86 -8.02
C HIS A 35 2.46 1.74 -9.13
N PHE A 36 3.47 2.54 -8.81
CA PHE A 36 4.06 3.45 -9.79
C PHE A 36 4.26 2.74 -11.14
N ARG A 37 5.10 1.71 -11.15
CA ARG A 37 5.37 0.96 -12.36
C ARG A 37 4.10 0.31 -12.89
N GLU A 38 3.68 0.71 -14.08
CA GLU A 38 2.47 0.16 -14.70
C GLU A 38 2.70 -0.11 -16.19
N LYS A 39 2.80 -1.40 -16.52
CA LYS A 39 3.02 -1.79 -17.91
C LYS A 39 1.70 -1.90 -18.66
N SER A 40 1.20 -0.76 -19.16
CA SER A 40 -0.05 -0.72 -19.89
C SER A 40 0.17 -0.99 -21.37
N SER A 41 1.05 -1.95 -21.68
CA SER A 41 1.35 -2.30 -23.06
C SER A 41 0.41 -3.37 -23.57
N GLY A 42 -0.36 -3.03 -24.61
CA GLY A 42 -1.30 -3.97 -25.18
C GLY A 42 -2.61 -4.01 -24.42
N PRO A 43 -3.71 -4.29 -25.15
CA PRO A 43 -5.05 -4.36 -24.56
C PRO A 43 -5.23 -5.57 -23.65
N SER A 44 -6.42 -5.71 -23.08
CA SER A 44 -6.71 -6.82 -22.18
C SER A 44 -7.52 -7.90 -22.89
N SER A 45 -7.27 -9.15 -22.53
CA SER A 45 -7.97 -10.27 -23.13
C SER A 45 -9.32 -10.50 -22.47
N GLY A 46 -10.06 -9.42 -22.26
CA GLY A 46 -11.36 -9.52 -21.62
C GLY A 46 -11.27 -9.64 -20.11
N GLY A 1 -22.88 4.03 18.40
CA GLY A 1 -22.74 2.85 17.55
C GLY A 1 -21.92 1.76 18.21
N SER A 2 -20.98 1.20 17.45
CA SER A 2 -20.12 0.13 17.96
C SER A 2 -18.67 0.40 17.61
N SER A 3 -18.00 1.17 18.47
CA SER A 3 -16.59 1.50 18.24
C SER A 3 -15.77 1.24 19.51
N GLY A 4 -14.46 1.37 19.38
CA GLY A 4 -13.58 1.14 20.51
C GLY A 4 -12.14 1.52 20.22
N SER A 5 -11.51 2.22 21.16
CA SER A 5 -10.12 2.65 20.99
C SER A 5 -9.17 1.46 21.12
N SER A 6 -8.19 1.41 20.22
CA SER A 6 -7.21 0.32 20.24
C SER A 6 -5.79 0.88 20.22
N GLY A 7 -5.00 0.46 21.20
CA GLY A 7 -3.62 0.93 21.30
C GLY A 7 -2.62 -0.19 21.10
N SER A 8 -2.83 -1.00 20.06
CA SER A 8 -1.94 -2.11 19.76
C SER A 8 -1.18 -1.87 18.47
N GLY A 9 -1.92 -1.72 17.38
CA GLY A 9 -1.31 -1.48 16.08
C GLY A 9 -1.74 -0.17 15.46
N GLU A 10 -0.88 0.83 15.53
CA GLU A 10 -1.18 2.15 14.97
C GLU A 10 -0.45 2.35 13.64
N ARG A 11 -0.38 1.29 12.84
CA ARG A 11 0.29 1.35 11.54
C ARG A 11 0.14 2.74 10.92
N PRO A 12 1.15 3.60 11.12
CA PRO A 12 1.15 4.97 10.59
C PRO A 12 1.29 4.99 9.07
N TYR A 13 2.09 4.07 8.54
CA TYR A 13 2.31 3.99 7.10
C TYR A 13 1.21 3.17 6.42
N GLY A 14 0.41 3.84 5.60
CA GLY A 14 -0.67 3.16 4.90
C GLY A 14 -0.74 3.54 3.44
N CYS A 15 -1.08 2.58 2.59
CA CYS A 15 -1.19 2.82 1.16
C CYS A 15 -2.64 2.83 0.71
N ASN A 16 -2.98 3.77 -0.17
CA ASN A 16 -4.34 3.89 -0.68
C ASN A 16 -4.45 3.29 -2.07
N GLU A 17 -3.45 3.55 -2.91
CA GLU A 17 -3.43 3.04 -4.27
C GLU A 17 -4.05 1.64 -4.34
N CYS A 18 -3.59 0.75 -3.47
CA CYS A 18 -4.09 -0.62 -3.42
C CYS A 18 -4.77 -0.90 -2.09
N GLY A 19 -4.15 -0.45 -1.00
CA GLY A 19 -4.72 -0.66 0.31
C GLY A 19 -3.84 -1.55 1.18
N LYS A 20 -2.58 -1.17 1.33
CA LYS A 20 -1.64 -1.95 2.14
C LYS A 20 -0.89 -1.05 3.11
N ASN A 21 -0.77 -1.51 4.36
CA ASN A 21 -0.07 -0.75 5.38
C ASN A 21 1.21 -1.45 5.82
N PHE A 22 2.02 -0.76 6.61
CA PHE A 22 3.27 -1.33 7.10
C PHE A 22 3.73 -0.62 8.36
N GLY A 23 4.82 -1.11 8.95
CA GLY A 23 5.35 -0.51 10.16
C GLY A 23 6.59 0.32 9.90
N ARG A 24 7.47 -0.18 9.04
CA ARG A 24 8.71 0.53 8.71
C ARG A 24 8.47 1.49 7.54
N HIS A 25 9.11 2.65 7.62
CA HIS A 25 8.99 3.66 6.57
C HIS A 25 9.38 3.09 5.21
N SER A 26 10.51 2.40 5.17
CA SER A 26 11.00 1.80 3.94
C SER A 26 9.99 0.80 3.38
N HIS A 27 9.50 -0.08 4.25
CA HIS A 27 8.52 -1.10 3.85
C HIS A 27 7.45 -0.48 2.96
N LEU A 28 6.92 0.66 3.37
CA LEU A 28 5.88 1.35 2.61
C LEU A 28 6.41 1.83 1.26
N ILE A 29 7.60 2.43 1.29
CA ILE A 29 8.23 2.93 0.06
C ILE A 29 8.36 1.82 -0.98
N GLU A 30 9.10 0.78 -0.63
CA GLU A 30 9.30 -0.35 -1.53
C GLU A 30 7.96 -0.87 -2.06
N HIS A 31 7.01 -1.06 -1.16
CA HIS A 31 5.68 -1.55 -1.55
C HIS A 31 5.06 -0.66 -2.62
N LEU A 32 5.21 0.65 -2.45
CA LEU A 32 4.66 1.60 -3.41
C LEU A 32 5.27 1.40 -4.79
N LYS A 33 6.57 1.12 -4.82
CA LYS A 33 7.27 0.90 -6.08
C LYS A 33 6.37 0.18 -7.09
N ARG A 34 5.92 -1.00 -6.72
CA ARG A 34 5.05 -1.80 -7.60
C ARG A 34 4.04 -0.89 -8.31
N HIS A 35 3.46 0.04 -7.56
CA HIS A 35 2.48 0.96 -8.12
C HIS A 35 3.14 1.97 -9.05
N PHE A 36 4.25 2.55 -8.60
CA PHE A 36 4.98 3.53 -9.38
C PHE A 36 6.08 2.86 -10.20
N ARG A 37 5.73 1.79 -10.91
CA ARG A 37 6.69 1.07 -11.72
C ARG A 37 5.97 0.29 -12.84
N GLU A 38 6.60 0.26 -14.02
CA GLU A 38 6.02 -0.45 -15.15
C GLU A 38 4.50 -0.34 -15.15
N LYS A 39 4.00 0.89 -15.06
CA LYS A 39 2.57 1.13 -15.05
C LYS A 39 2.02 1.26 -16.47
N SER A 40 2.64 0.55 -17.41
CA SER A 40 2.22 0.58 -18.80
C SER A 40 1.72 -0.78 -19.26
N SER A 41 0.96 -1.44 -18.38
CA SER A 41 0.42 -2.75 -18.69
C SER A 41 -1.06 -2.66 -19.07
N GLY A 42 -1.88 -2.23 -18.11
CA GLY A 42 -3.30 -2.10 -18.36
C GLY A 42 -3.99 -1.23 -17.33
N PRO A 43 -5.03 -0.49 -17.76
CA PRO A 43 -5.79 0.39 -16.89
C PRO A 43 -6.64 -0.37 -15.88
N SER A 44 -6.70 -1.69 -16.04
CA SER A 44 -7.48 -2.54 -15.15
C SER A 44 -7.41 -2.03 -13.71
N SER A 45 -8.51 -2.15 -12.99
CA SER A 45 -8.58 -1.69 -11.61
C SER A 45 -9.45 -2.62 -10.77
N GLY A 46 -8.81 -3.40 -9.91
CA GLY A 46 -9.53 -4.33 -9.06
C GLY A 46 -9.63 -3.85 -7.63
N GLY A 1 -21.71 12.74 20.36
CA GLY A 1 -21.31 11.59 19.59
C GLY A 1 -20.80 10.45 20.46
N SER A 2 -21.28 9.24 20.19
CA SER A 2 -20.87 8.07 20.96
C SER A 2 -20.26 7.01 20.05
N SER A 3 -20.94 6.71 18.95
CA SER A 3 -20.46 5.71 18.00
C SER A 3 -19.36 6.29 17.11
N GLY A 4 -18.27 5.55 16.96
CA GLY A 4 -17.17 5.99 16.14
C GLY A 4 -15.85 5.35 16.53
N SER A 5 -15.65 4.11 16.08
CA SER A 5 -14.43 3.38 16.39
C SER A 5 -13.69 3.00 15.11
N SER A 6 -13.62 3.93 14.17
CA SER A 6 -12.95 3.70 12.90
C SER A 6 -11.53 4.25 12.92
N GLY A 7 -10.55 3.36 12.97
CA GLY A 7 -9.16 3.78 13.00
C GLY A 7 -8.38 3.13 14.14
N SER A 8 -8.49 1.81 14.24
CA SER A 8 -7.80 1.08 15.29
C SER A 8 -6.50 0.48 14.77
N GLY A 9 -5.46 1.32 14.71
CA GLY A 9 -4.17 0.85 14.24
C GLY A 9 -3.09 1.92 14.37
N GLU A 10 -1.87 1.48 14.63
CA GLU A 10 -0.74 2.40 14.79
C GLU A 10 -0.05 2.65 13.45
N ARG A 11 0.17 1.57 12.71
CA ARG A 11 0.83 1.66 11.41
C ARG A 11 0.48 2.97 10.71
N PRO A 12 1.37 3.97 10.86
CA PRO A 12 1.18 5.29 10.26
C PRO A 12 1.32 5.26 8.74
N TYR A 13 2.06 4.28 8.24
CA TYR A 13 2.28 4.14 6.80
C TYR A 13 1.20 3.25 6.18
N GLY A 14 0.23 3.88 5.53
CA GLY A 14 -0.85 3.14 4.90
C GLY A 14 -1.11 3.60 3.47
N CYS A 15 -1.26 2.64 2.56
CA CYS A 15 -1.51 2.96 1.16
C CYS A 15 -3.00 2.82 0.84
N ASN A 16 -3.50 3.71 -0.01
CA ASN A 16 -4.90 3.69 -0.39
C ASN A 16 -5.07 3.12 -1.80
N GLU A 17 -4.17 3.50 -2.70
CA GLU A 17 -4.22 3.03 -4.07
C GLU A 17 -4.68 1.59 -4.14
N CYS A 18 -3.98 0.71 -3.42
CA CYS A 18 -4.33 -0.71 -3.38
C CYS A 18 -4.88 -1.11 -2.03
N GLY A 19 -4.23 -0.64 -0.96
CA GLY A 19 -4.68 -0.96 0.38
C GLY A 19 -3.73 -1.89 1.10
N LYS A 20 -2.57 -1.37 1.51
CA LYS A 20 -1.59 -2.17 2.22
C LYS A 20 -0.80 -1.30 3.21
N ASN A 21 -0.95 -1.60 4.49
CA ASN A 21 -0.26 -0.85 5.54
C ASN A 21 1.10 -1.49 5.85
N PHE A 22 1.91 -0.77 6.61
CA PHE A 22 3.24 -1.27 6.98
C PHE A 22 3.76 -0.55 8.23
N GLY A 23 4.45 -1.29 9.08
CA GLY A 23 4.99 -0.72 10.30
C GLY A 23 6.44 -0.30 10.15
N ARG A 24 6.91 -0.23 8.91
CA ARG A 24 8.29 0.15 8.64
C ARG A 24 8.37 1.09 7.43
N HIS A 25 9.04 2.22 7.62
CA HIS A 25 9.19 3.21 6.55
C HIS A 25 9.60 2.53 5.23
N SER A 26 10.81 1.97 5.22
CA SER A 26 11.33 1.30 4.04
C SER A 26 10.25 0.46 3.38
N HIS A 27 9.65 -0.44 4.16
CA HIS A 27 8.60 -1.31 3.65
C HIS A 27 7.59 -0.52 2.81
N LEU A 28 7.22 0.65 3.30
CA LEU A 28 6.26 1.51 2.59
C LEU A 28 6.86 2.03 1.29
N ILE A 29 8.11 2.49 1.36
CA ILE A 29 8.80 3.02 0.18
C ILE A 29 8.90 1.95 -0.91
N GLU A 30 9.31 0.75 -0.52
CA GLU A 30 9.45 -0.35 -1.47
C GLU A 30 8.09 -0.73 -2.06
N HIS A 31 7.09 -0.84 -1.21
CA HIS A 31 5.74 -1.20 -1.64
C HIS A 31 5.24 -0.22 -2.69
N LEU A 32 5.33 1.07 -2.38
CA LEU A 32 4.88 2.12 -3.29
C LEU A 32 5.40 1.86 -4.70
N LYS A 33 6.67 1.51 -4.80
CA LYS A 33 7.29 1.25 -6.10
C LYS A 33 6.42 0.31 -6.93
N ARG A 34 6.02 -0.81 -6.34
CA ARG A 34 5.18 -1.78 -7.04
C ARG A 34 4.14 -1.07 -7.90
N HIS A 35 3.76 0.15 -7.50
CA HIS A 35 2.77 0.93 -8.23
C HIS A 35 3.44 1.78 -9.31
N PHE A 36 4.46 1.22 -9.94
CA PHE A 36 5.19 1.93 -10.99
C PHE A 36 5.30 1.08 -12.25
N ARG A 37 5.66 -0.18 -12.08
CA ARG A 37 5.80 -1.09 -13.20
C ARG A 37 4.59 -1.00 -14.14
N GLU A 38 4.88 -0.93 -15.44
CA GLU A 38 3.82 -0.83 -16.44
C GLU A 38 3.77 -2.08 -17.30
N LYS A 39 2.83 -2.97 -16.99
CA LYS A 39 2.67 -4.22 -17.74
C LYS A 39 1.90 -3.97 -19.03
N SER A 40 0.83 -3.18 -18.95
CA SER A 40 0.02 -2.88 -20.11
C SER A 40 0.89 -2.40 -21.27
N SER A 41 1.80 -1.48 -20.98
CA SER A 41 2.70 -0.94 -21.99
C SER A 41 3.10 -2.01 -22.99
N GLY A 42 3.68 -3.10 -22.49
CA GLY A 42 4.10 -4.18 -23.35
C GLY A 42 5.55 -4.58 -23.12
N PRO A 43 5.77 -5.42 -22.10
CA PRO A 43 7.11 -5.90 -21.73
C PRO A 43 7.68 -6.85 -22.78
N SER A 44 8.31 -6.29 -23.81
CA SER A 44 8.90 -7.09 -24.87
C SER A 44 9.73 -8.24 -24.30
N SER A 45 9.31 -9.47 -24.57
CA SER A 45 10.01 -10.64 -24.06
C SER A 45 9.56 -11.90 -24.81
N GLY A 46 10.18 -13.03 -24.49
CA GLY A 46 9.85 -14.28 -25.13
C GLY A 46 10.26 -15.49 -24.33
N GLY A 1 -23.41 5.20 13.37
CA GLY A 1 -23.21 5.03 11.94
C GLY A 1 -22.86 3.61 11.56
N SER A 2 -21.72 3.44 10.89
CA SER A 2 -21.28 2.12 10.47
C SER A 2 -20.37 1.49 11.52
N SER A 3 -20.06 0.20 11.33
CA SER A 3 -19.20 -0.52 12.26
C SER A 3 -17.86 0.17 12.41
N GLY A 4 -17.22 0.47 11.28
CA GLY A 4 -15.93 1.14 11.30
C GLY A 4 -14.78 0.18 11.01
N SER A 5 -13.86 0.05 11.96
CA SER A 5 -12.71 -0.82 11.81
C SER A 5 -12.49 -1.67 13.06
N SER A 6 -12.20 -2.94 12.86
CA SER A 6 -11.96 -3.86 13.97
C SER A 6 -10.51 -4.31 14.00
N GLY A 7 -9.63 -3.49 14.58
CA GLY A 7 -8.23 -3.83 14.67
C GLY A 7 -7.33 -2.69 14.20
N SER A 8 -6.61 -2.10 15.15
CA SER A 8 -5.71 -0.99 14.83
C SER A 8 -4.42 -1.09 15.62
N GLY A 9 -3.35 -0.52 15.08
CA GLY A 9 -2.07 -0.55 15.75
C GLY A 9 -1.19 0.64 15.41
N GLU A 10 0.07 0.37 15.05
CA GLU A 10 1.00 1.43 14.70
C GLU A 10 1.43 1.31 13.25
N ARG A 11 0.46 1.21 12.34
CA ARG A 11 0.73 1.09 10.91
C ARG A 11 0.13 2.26 10.14
N PRO A 12 0.63 3.48 10.44
CA PRO A 12 0.16 4.71 9.79
C PRO A 12 0.59 4.78 8.33
N TYR A 13 1.39 3.82 7.90
CA TYR A 13 1.88 3.77 6.52
C TYR A 13 0.96 2.93 5.65
N GLY A 14 -0.34 3.20 5.74
CA GLY A 14 -1.32 2.46 4.95
C GLY A 14 -1.50 3.06 3.56
N CYS A 15 -0.76 2.52 2.59
CA CYS A 15 -0.85 2.99 1.22
C CYS A 15 -2.30 3.05 0.75
N ASN A 16 -2.78 4.26 0.49
CA ASN A 16 -4.16 4.45 0.04
C ASN A 16 -4.32 3.97 -1.40
N GLU A 17 -3.39 4.35 -2.26
CA GLU A 17 -3.43 3.95 -3.66
C GLU A 17 -4.06 2.57 -3.82
N CYS A 18 -3.59 1.61 -3.04
CA CYS A 18 -4.12 0.26 -3.09
C CYS A 18 -4.79 -0.12 -1.78
N GLY A 19 -4.12 0.17 -0.67
CA GLY A 19 -4.68 -0.14 0.63
C GLY A 19 -3.92 -1.25 1.33
N LYS A 20 -2.70 -0.95 1.79
CA LYS A 20 -1.88 -1.92 2.49
C LYS A 20 -1.10 -1.27 3.62
N ASN A 21 -1.28 -1.78 4.83
CA ASN A 21 -0.59 -1.24 6.00
C ASN A 21 0.72 -1.99 6.24
N PHE A 22 1.76 -1.24 6.61
CA PHE A 22 3.07 -1.84 6.88
C PHE A 22 3.58 -1.42 8.26
N GLY A 23 3.94 -0.14 8.39
CA GLY A 23 4.44 0.35 9.66
C GLY A 23 5.78 1.04 9.52
N ARG A 24 6.71 0.38 8.83
CA ARG A 24 8.04 0.93 8.63
C ARG A 24 8.08 1.83 7.39
N HIS A 25 8.83 2.91 7.47
CA HIS A 25 8.96 3.85 6.35
C HIS A 25 9.36 3.12 5.08
N SER A 26 10.56 2.53 5.10
CA SER A 26 11.07 1.81 3.94
C SER A 26 10.03 0.82 3.42
N HIS A 27 9.50 -0.01 4.32
CA HIS A 27 8.50 -0.99 3.95
C HIS A 27 7.48 -0.41 2.97
N LEU A 28 6.87 0.70 3.36
CA LEU A 28 5.88 1.36 2.51
C LEU A 28 6.50 1.82 1.20
N ILE A 29 7.60 2.56 1.29
CA ILE A 29 8.29 3.04 0.11
C ILE A 29 8.51 1.92 -0.91
N GLU A 30 9.27 0.91 -0.51
CA GLU A 30 9.56 -0.22 -1.38
C GLU A 30 8.28 -0.74 -2.02
N HIS A 31 7.22 -0.87 -1.22
CA HIS A 31 5.93 -1.35 -1.71
C HIS A 31 5.40 -0.45 -2.82
N LEU A 32 5.28 0.83 -2.53
CA LEU A 32 4.78 1.79 -3.50
C LEU A 32 5.41 1.57 -4.86
N LYS A 33 6.68 1.20 -4.86
CA LYS A 33 7.41 0.94 -6.11
C LYS A 33 6.72 -0.16 -6.92
N ARG A 34 6.38 -1.25 -6.25
CA ARG A 34 5.71 -2.37 -6.91
C ARG A 34 4.61 -1.88 -7.85
N HIS A 35 3.85 -0.88 -7.39
CA HIS A 35 2.78 -0.31 -8.19
C HIS A 35 3.26 0.06 -9.58
N PHE A 36 4.49 0.57 -9.66
CA PHE A 36 5.07 0.97 -10.92
C PHE A 36 5.17 -0.21 -11.88
N ARG A 37 5.34 -1.40 -11.33
CA ARG A 37 5.45 -2.61 -12.13
C ARG A 37 4.43 -2.60 -13.27
N GLU A 38 4.65 -3.47 -14.26
CA GLU A 38 3.75 -3.55 -15.41
C GLU A 38 3.71 -2.23 -16.16
N LYS A 39 4.88 -1.66 -16.41
CA LYS A 39 4.99 -0.40 -17.14
C LYS A 39 3.84 0.53 -16.76
N SER A 40 3.55 0.62 -15.47
CA SER A 40 2.47 1.49 -14.98
C SER A 40 2.58 2.88 -15.57
N SER A 41 1.50 3.65 -15.47
CA SER A 41 1.48 5.01 -15.99
C SER A 41 2.84 5.69 -15.84
N GLY A 42 3.33 5.74 -14.60
CA GLY A 42 4.62 6.36 -14.34
C GLY A 42 4.73 7.74 -14.97
N PRO A 43 3.90 8.67 -14.50
CA PRO A 43 3.89 10.05 -15.00
C PRO A 43 5.15 10.82 -14.59
N SER A 44 6.04 10.14 -13.88
CA SER A 44 7.27 10.77 -13.42
C SER A 44 8.39 10.59 -14.44
N SER A 45 8.07 10.84 -15.71
CA SER A 45 9.05 10.70 -16.79
C SER A 45 9.15 11.99 -17.59
N GLY A 46 10.37 12.35 -17.97
CA GLY A 46 10.59 13.56 -18.75
C GLY A 46 12.03 13.72 -19.18
N GLY A 1 -18.74 -16.38 15.26
CA GLY A 1 -17.33 -16.09 15.13
C GLY A 1 -17.08 -14.80 14.35
N SER A 2 -16.65 -13.76 15.07
CA SER A 2 -16.36 -12.47 14.45
C SER A 2 -15.09 -11.86 15.01
N SER A 3 -14.20 -11.42 14.12
CA SER A 3 -12.94 -10.81 14.53
C SER A 3 -12.71 -9.50 13.79
N GLY A 4 -11.61 -8.84 14.13
CA GLY A 4 -11.29 -7.57 13.49
C GLY A 4 -11.67 -7.54 12.03
N SER A 5 -12.76 -6.85 11.71
CA SER A 5 -13.24 -6.75 10.34
C SER A 5 -12.07 -6.57 9.37
N SER A 6 -11.08 -5.78 9.79
CA SER A 6 -9.91 -5.52 8.97
C SER A 6 -8.67 -6.15 9.58
N GLY A 7 -8.40 -5.82 10.84
CA GLY A 7 -7.23 -6.35 11.52
C GLY A 7 -6.12 -5.34 11.64
N SER A 8 -6.48 -4.08 11.86
CA SER A 8 -5.50 -3.01 12.00
C SER A 8 -5.98 -1.96 12.99
N GLY A 9 -5.03 -1.39 13.74
CA GLY A 9 -5.39 -0.37 14.72
C GLY A 9 -4.77 0.98 14.39
N GLU A 10 -3.50 1.15 14.73
CA GLU A 10 -2.80 2.40 14.48
C GLU A 10 -1.46 2.14 13.80
N ARG A 11 -1.42 2.34 12.48
CA ARG A 11 -0.20 2.13 11.71
C ARG A 11 0.35 3.45 11.18
N PRO A 12 1.68 3.57 11.14
CA PRO A 12 2.36 4.78 10.66
C PRO A 12 2.20 4.96 9.15
N TYR A 13 2.33 3.87 8.41
CA TYR A 13 2.22 3.90 6.96
C TYR A 13 1.03 3.07 6.49
N GLY A 14 0.21 3.66 5.63
CA GLY A 14 -0.95 2.95 5.11
C GLY A 14 -1.26 3.31 3.67
N CYS A 15 -0.90 2.43 2.74
CA CYS A 15 -1.14 2.67 1.33
C CYS A 15 -2.64 2.77 1.04
N ASN A 16 -3.11 3.99 0.81
CA ASN A 16 -4.53 4.22 0.53
C ASN A 16 -4.82 4.04 -0.96
N GLU A 17 -3.81 3.61 -1.72
CA GLU A 17 -3.95 3.40 -3.15
C GLU A 17 -4.53 2.02 -3.44
N CYS A 18 -3.77 0.98 -3.10
CA CYS A 18 -4.21 -0.40 -3.33
C CYS A 18 -4.79 -0.99 -2.05
N GLY A 19 -4.15 -0.72 -0.92
CA GLY A 19 -4.62 -1.24 0.35
C GLY A 19 -3.61 -2.14 1.02
N LYS A 20 -2.53 -1.54 1.53
CA LYS A 20 -1.48 -2.30 2.20
C LYS A 20 -0.70 -1.42 3.16
N ASN A 21 -0.77 -1.73 4.44
CA ASN A 21 -0.07 -0.96 5.46
C ASN A 21 1.32 -1.54 5.73
N PHE A 22 2.12 -0.82 6.51
CA PHE A 22 3.47 -1.27 6.84
C PHE A 22 3.90 -0.71 8.20
N GLY A 23 4.95 -1.31 8.77
CA GLY A 23 5.45 -0.85 10.05
C GLY A 23 6.71 -0.03 9.92
N ARG A 24 7.41 -0.19 8.80
CA ARG A 24 8.65 0.55 8.55
C ARG A 24 8.50 1.48 7.35
N HIS A 25 9.16 2.64 7.43
CA HIS A 25 9.10 3.61 6.35
C HIS A 25 9.50 2.99 5.01
N SER A 26 10.61 2.24 5.02
CA SER A 26 11.10 1.60 3.81
C SER A 26 10.04 0.69 3.21
N HIS A 27 9.41 -0.12 4.07
CA HIS A 27 8.36 -1.03 3.61
C HIS A 27 7.36 -0.32 2.72
N LEU A 28 6.99 0.90 3.11
CA LEU A 28 6.03 1.69 2.32
C LEU A 28 6.64 2.11 1.00
N ILE A 29 7.84 2.67 1.05
CA ILE A 29 8.52 3.13 -0.15
C ILE A 29 8.68 2.00 -1.15
N GLU A 30 9.32 0.92 -0.73
CA GLU A 30 9.53 -0.24 -1.60
C GLU A 30 8.21 -0.75 -2.16
N HIS A 31 7.19 -0.77 -1.31
CA HIS A 31 5.87 -1.25 -1.72
C HIS A 31 5.32 -0.38 -2.86
N LEU A 32 5.37 0.94 -2.68
CA LEU A 32 4.88 1.86 -3.69
C LEU A 32 5.53 1.59 -5.05
N LYS A 33 6.77 1.13 -5.02
CA LYS A 33 7.52 0.83 -6.24
C LYS A 33 6.67 -0.03 -7.17
N ARG A 34 6.17 -1.14 -6.66
CA ARG A 34 5.34 -2.05 -7.45
C ARG A 34 4.37 -1.28 -8.33
N HIS A 35 3.61 -0.37 -7.71
CA HIS A 35 2.64 0.44 -8.44
C HIS A 35 3.32 1.24 -9.55
N PHE A 36 4.35 1.99 -9.17
CA PHE A 36 5.08 2.81 -10.14
C PHE A 36 5.34 2.04 -11.43
N ARG A 37 6.00 0.89 -11.30
CA ARG A 37 6.30 0.07 -12.47
C ARG A 37 5.17 0.12 -13.49
N GLU A 38 3.98 -0.27 -13.06
CA GLU A 38 2.81 -0.26 -13.95
C GLU A 38 2.59 1.13 -14.54
N LYS A 39 2.17 1.16 -15.80
CA LYS A 39 1.93 2.43 -16.49
C LYS A 39 0.53 2.96 -16.17
N SER A 40 0.42 4.27 -16.02
CA SER A 40 -0.86 4.90 -15.71
C SER A 40 -1.25 5.90 -16.79
N SER A 41 -2.28 5.56 -17.56
CA SER A 41 -2.75 6.43 -18.63
C SER A 41 -3.52 7.62 -18.07
N GLY A 42 -2.98 8.82 -18.27
CA GLY A 42 -3.63 10.02 -17.77
C GLY A 42 -2.79 10.75 -16.74
N PRO A 43 -1.86 11.57 -17.22
CA PRO A 43 -0.97 12.36 -16.34
C PRO A 43 -1.71 13.46 -15.61
N SER A 44 -1.04 14.07 -14.63
CA SER A 44 -1.63 15.14 -13.84
C SER A 44 -1.07 16.50 -14.26
N SER A 45 -1.79 17.56 -13.91
CA SER A 45 -1.37 18.92 -14.25
C SER A 45 -0.15 19.33 -13.43
N GLY A 46 1.01 19.38 -14.08
CA GLY A 46 2.23 19.77 -13.40
C GLY A 46 3.19 18.61 -13.24
N GLY A 1 -3.74 4.90 34.66
CA GLY A 1 -3.08 3.79 34.02
C GLY A 1 -2.64 4.09 32.60
N SER A 2 -2.59 3.08 31.75
CA SER A 2 -2.18 3.25 30.37
C SER A 2 -3.23 2.70 29.41
N SER A 3 -4.50 2.97 29.71
CA SER A 3 -5.60 2.50 28.87
C SER A 3 -6.69 3.55 28.77
N GLY A 4 -6.86 4.10 27.57
CA GLY A 4 -7.87 5.12 27.35
C GLY A 4 -8.30 5.21 25.90
N SER A 5 -7.61 6.07 25.14
CA SER A 5 -7.93 6.25 23.73
C SER A 5 -6.73 5.91 22.85
N SER A 6 -5.53 6.04 23.43
CA SER A 6 -4.30 5.74 22.70
C SER A 6 -4.04 4.24 22.64
N GLY A 7 -4.31 3.63 21.49
CA GLY A 7 -4.10 2.21 21.33
C GLY A 7 -5.14 1.57 20.43
N SER A 8 -5.45 2.23 19.32
CA SER A 8 -6.42 1.74 18.37
C SER A 8 -6.27 2.40 17.02
N GLY A 9 -5.92 1.61 16.00
CA GLY A 9 -5.74 2.15 14.67
C GLY A 9 -4.94 1.24 13.78
N GLU A 10 -4.15 1.82 12.88
CA GLU A 10 -3.33 1.04 11.96
C GLU A 10 -1.97 1.70 11.76
N ARG A 11 -1.05 0.97 11.13
CA ARG A 11 0.30 1.48 10.88
C ARG A 11 0.24 2.87 10.23
N PRO A 12 1.17 3.74 10.62
CA PRO A 12 1.25 5.11 10.09
C PRO A 12 1.70 5.13 8.62
N TYR A 13 2.05 3.97 8.10
CA TYR A 13 2.49 3.86 6.72
C TYR A 13 1.50 3.07 5.88
N GLY A 14 0.23 3.11 6.29
CA GLY A 14 -0.80 2.40 5.56
C GLY A 14 -1.04 2.96 4.17
N CYS A 15 -0.47 2.30 3.17
CA CYS A 15 -0.62 2.74 1.79
C CYS A 15 -2.10 2.90 1.42
N ASN A 16 -2.42 4.01 0.76
CA ASN A 16 -3.79 4.28 0.35
C ASN A 16 -4.02 3.86 -1.09
N GLU A 17 -2.96 3.91 -1.90
CA GLU A 17 -3.05 3.53 -3.30
C GLU A 17 -3.81 2.21 -3.46
N CYS A 18 -3.58 1.28 -2.53
CA CYS A 18 -4.24 -0.01 -2.57
C CYS A 18 -4.83 -0.37 -1.21
N GLY A 19 -4.06 -0.11 -0.15
CA GLY A 19 -4.52 -0.42 1.20
C GLY A 19 -3.67 -1.47 1.88
N LYS A 20 -2.39 -1.18 2.05
CA LYS A 20 -1.47 -2.11 2.71
C LYS A 20 -0.75 -1.44 3.87
N ASN A 21 -0.63 -2.16 4.98
CA ASN A 21 0.04 -1.64 6.15
C ASN A 21 1.40 -2.31 6.35
N PHE A 22 2.38 -1.53 6.81
CA PHE A 22 3.71 -2.05 7.04
C PHE A 22 4.24 -1.64 8.42
N GLY A 23 4.29 -0.32 8.65
CA GLY A 23 4.77 0.19 9.91
C GLY A 23 6.07 0.96 9.79
N ARG A 24 6.89 0.57 8.82
CA ARG A 24 8.17 1.23 8.59
C ARG A 24 8.12 2.09 7.34
N HIS A 25 9.13 2.95 7.16
CA HIS A 25 9.20 3.82 6.00
C HIS A 25 9.61 3.05 4.75
N SER A 26 10.88 2.65 4.70
CA SER A 26 11.40 1.91 3.56
C SER A 26 10.42 0.83 3.13
N HIS A 27 9.83 0.15 4.11
CA HIS A 27 8.87 -0.91 3.83
C HIS A 27 7.74 -0.41 2.92
N LEU A 28 7.09 0.66 3.34
CA LEU A 28 6.00 1.24 2.56
C LEU A 28 6.50 1.73 1.21
N ILE A 29 7.59 2.47 1.22
CA ILE A 29 8.17 3.01 0.00
C ILE A 29 8.36 1.91 -1.05
N GLU A 30 9.23 0.95 -0.74
CA GLU A 30 9.48 -0.15 -1.65
C GLU A 30 8.18 -0.70 -2.24
N HIS A 31 7.19 -0.87 -1.37
CA HIS A 31 5.89 -1.39 -1.80
C HIS A 31 5.27 -0.50 -2.88
N LEU A 32 5.22 0.80 -2.60
CA LEU A 32 4.66 1.76 -3.55
C LEU A 32 5.27 1.57 -4.94
N LYS A 33 6.55 1.25 -4.97
CA LYS A 33 7.25 1.04 -6.23
C LYS A 33 6.46 0.14 -7.16
N ARG A 34 6.07 -1.03 -6.65
CA ARG A 34 5.30 -1.99 -7.43
C ARG A 34 4.13 -1.31 -8.13
N HIS A 35 3.27 -0.67 -7.36
CA HIS A 35 2.11 0.03 -7.91
C HIS A 35 2.45 0.66 -9.27
N PHE A 36 3.52 1.44 -9.29
CA PHE A 36 3.94 2.10 -10.53
C PHE A 36 4.01 1.10 -11.68
N ARG A 37 4.91 0.12 -11.55
CA ARG A 37 5.07 -0.90 -12.58
C ARG A 37 3.72 -1.43 -13.05
N GLU A 38 3.47 -1.35 -14.36
CA GLU A 38 2.22 -1.82 -14.94
C GLU A 38 2.45 -2.42 -16.32
N LYS A 39 1.81 -3.55 -16.58
CA LYS A 39 1.93 -4.23 -17.85
C LYS A 39 1.50 -3.33 -19.00
N SER A 40 2.46 -2.97 -19.86
CA SER A 40 2.17 -2.10 -20.99
C SER A 40 2.64 -2.75 -22.30
N SER A 41 1.76 -2.75 -23.29
CA SER A 41 2.07 -3.34 -24.60
C SER A 41 3.52 -3.05 -24.98
N GLY A 42 4.21 -4.08 -25.46
CA GLY A 42 5.60 -3.91 -25.87
C GLY A 42 6.53 -4.81 -25.08
N PRO A 43 7.40 -5.55 -25.80
CA PRO A 43 8.36 -6.46 -25.18
C PRO A 43 9.47 -5.72 -24.44
N SER A 44 9.65 -6.06 -23.16
CA SER A 44 10.67 -5.42 -22.34
C SER A 44 12.00 -6.12 -22.49
N SER A 45 12.36 -6.45 -23.73
CA SER A 45 13.62 -7.13 -24.01
C SER A 45 13.70 -8.45 -23.24
N GLY A 46 12.57 -9.15 -23.16
CA GLY A 46 12.53 -10.41 -22.46
C GLY A 46 12.09 -10.26 -21.01
N GLY A 1 -20.37 -14.24 16.25
CA GLY A 1 -19.04 -13.73 16.01
C GLY A 1 -18.94 -12.24 16.25
N SER A 2 -18.00 -11.58 15.58
CA SER A 2 -17.80 -10.14 15.73
C SER A 2 -17.37 -9.51 14.42
N SER A 3 -17.55 -8.20 14.31
CA SER A 3 -17.19 -7.47 13.09
C SER A 3 -15.80 -7.88 12.62
N GLY A 4 -15.60 -7.85 11.31
CA GLY A 4 -14.32 -8.21 10.73
C GLY A 4 -14.04 -7.50 9.42
N SER A 5 -13.68 -6.23 9.52
CA SER A 5 -13.39 -5.42 8.32
C SER A 5 -11.99 -4.83 8.41
N SER A 6 -11.40 -4.55 7.25
CA SER A 6 -10.06 -3.97 7.20
C SER A 6 -10.10 -2.58 6.57
N GLY A 7 -10.50 -1.60 7.37
CA GLY A 7 -10.57 -0.23 6.87
C GLY A 7 -9.44 0.64 7.38
N SER A 8 -9.66 1.30 8.51
CA SER A 8 -8.65 2.17 9.10
C SER A 8 -8.38 1.78 10.56
N GLY A 9 -7.10 1.62 10.89
CA GLY A 9 -6.72 1.25 12.24
C GLY A 9 -5.66 2.16 12.81
N GLU A 10 -4.71 1.57 13.54
CA GLU A 10 -3.64 2.34 14.16
C GLU A 10 -2.28 1.91 13.59
N ARG A 11 -1.84 2.63 12.55
CA ARG A 11 -0.55 2.32 11.92
C ARG A 11 0.07 3.59 11.35
N PRO A 12 1.41 3.67 11.42
CA PRO A 12 2.16 4.82 10.91
C PRO A 12 2.15 4.90 9.39
N TYR A 13 2.43 3.77 8.75
CA TYR A 13 2.44 3.71 7.28
C TYR A 13 1.20 3.02 6.76
N GLY A 14 0.48 3.71 5.87
CA GLY A 14 -0.73 3.15 5.30
C GLY A 14 -0.90 3.51 3.84
N CYS A 15 -0.76 2.52 2.96
CA CYS A 15 -0.89 2.74 1.53
C CYS A 15 -2.36 2.90 1.14
N ASN A 16 -2.59 3.63 0.05
CA ASN A 16 -3.95 3.85 -0.44
C ASN A 16 -4.16 3.22 -1.81
N GLU A 17 -3.15 3.34 -2.66
CA GLU A 17 -3.22 2.77 -4.01
C GLU A 17 -3.92 1.41 -3.99
N CYS A 18 -3.44 0.51 -3.15
CA CYS A 18 -4.01 -0.82 -3.03
C CYS A 18 -4.68 -1.01 -1.67
N GLY A 19 -4.00 -0.58 -0.62
CA GLY A 19 -4.54 -0.72 0.72
C GLY A 19 -3.74 -1.67 1.58
N LYS A 20 -2.42 -1.48 1.60
CA LYS A 20 -1.53 -2.32 2.39
C LYS A 20 -0.64 -1.49 3.29
N ASN A 21 -0.82 -1.63 4.60
CA ASN A 21 -0.03 -0.88 5.57
C ASN A 21 1.29 -1.59 5.85
N PHE A 22 2.13 -0.97 6.68
CA PHE A 22 3.43 -1.54 7.03
C PHE A 22 3.90 -1.02 8.38
N GLY A 23 5.05 -1.50 8.83
CA GLY A 23 5.60 -1.07 10.10
C GLY A 23 6.94 -0.39 9.95
N ARG A 24 7.40 -0.25 8.70
CA ARG A 24 8.68 0.39 8.44
C ARG A 24 8.53 1.47 7.36
N HIS A 25 9.47 2.41 7.36
CA HIS A 25 9.43 3.50 6.38
C HIS A 25 9.81 3.01 4.99
N SER A 26 10.96 2.36 4.89
CA SER A 26 11.44 1.83 3.61
C SER A 26 10.43 0.85 3.02
N HIS A 27 9.88 0.00 3.88
CA HIS A 27 8.90 -0.99 3.43
C HIS A 27 7.79 -0.33 2.61
N LEU A 28 7.25 0.78 3.13
CA LEU A 28 6.19 1.50 2.43
C LEU A 28 6.67 2.02 1.09
N ILE A 29 7.83 2.68 1.09
CA ILE A 29 8.40 3.23 -0.14
C ILE A 29 8.57 2.14 -1.19
N GLU A 30 9.30 1.08 -0.84
CA GLU A 30 9.54 -0.03 -1.75
C GLU A 30 8.23 -0.57 -2.29
N HIS A 31 7.24 -0.70 -1.42
CA HIS A 31 5.93 -1.22 -1.81
C HIS A 31 5.29 -0.33 -2.87
N LEU A 32 5.07 0.93 -2.53
CA LEU A 32 4.47 1.88 -3.45
C LEU A 32 4.97 1.66 -4.87
N LYS A 33 6.29 1.52 -5.01
CA LYS A 33 6.90 1.29 -6.31
C LYS A 33 6.07 0.33 -7.15
N ARG A 34 5.67 -0.79 -6.54
CA ARG A 34 4.88 -1.79 -7.23
C ARG A 34 3.81 -1.13 -8.10
N HIS A 35 3.05 -0.22 -7.50
CA HIS A 35 1.99 0.49 -8.23
C HIS A 35 2.58 1.31 -9.38
N PHE A 36 3.53 2.16 -9.05
CA PHE A 36 4.17 3.02 -10.05
C PHE A 36 4.60 2.20 -11.26
N ARG A 37 5.31 1.10 -11.01
CA ARG A 37 5.78 0.24 -12.08
C ARG A 37 4.71 0.07 -13.16
N GLU A 38 5.11 0.22 -14.42
CA GLU A 38 4.19 0.08 -15.53
C GLU A 38 3.89 -1.39 -15.82
N LYS A 39 2.90 -1.94 -15.11
CA LYS A 39 2.52 -3.32 -15.28
C LYS A 39 1.03 -3.44 -15.62
N SER A 40 0.70 -4.39 -16.48
CA SER A 40 -0.68 -4.59 -16.89
C SER A 40 -1.64 -4.37 -15.71
N SER A 41 -1.45 -5.13 -14.65
CA SER A 41 -2.29 -5.02 -13.47
C SER A 41 -3.75 -4.79 -13.86
N GLY A 42 -4.23 -5.58 -14.81
CA GLY A 42 -5.61 -5.45 -15.26
C GLY A 42 -6.57 -6.19 -14.36
N PRO A 43 -6.91 -7.44 -14.74
CA PRO A 43 -7.83 -8.28 -13.98
C PRO A 43 -7.25 -8.74 -12.65
N SER A 44 -8.05 -9.44 -11.86
CA SER A 44 -7.61 -9.93 -10.56
C SER A 44 -6.18 -10.47 -10.63
N SER A 45 -5.46 -10.39 -9.51
CA SER A 45 -4.08 -10.86 -9.45
C SER A 45 -3.94 -12.18 -10.19
N GLY A 46 -2.71 -12.49 -10.61
CA GLY A 46 -2.45 -13.72 -11.32
C GLY A 46 -1.07 -14.26 -11.06
N GLY A 1 -14.74 -13.08 1.81
CA GLY A 1 -14.96 -11.87 1.04
C GLY A 1 -15.50 -10.73 1.89
N SER A 2 -16.79 -10.78 2.18
CA SER A 2 -17.44 -9.75 2.99
C SER A 2 -17.93 -10.32 4.31
N SER A 3 -17.11 -11.15 4.93
CA SER A 3 -17.47 -11.77 6.21
C SER A 3 -16.56 -11.25 7.33
N GLY A 4 -17.18 -10.65 8.34
CA GLY A 4 -16.42 -10.12 9.47
C GLY A 4 -15.78 -8.78 9.15
N SER A 5 -14.65 -8.81 8.47
CA SER A 5 -13.94 -7.59 8.10
C SER A 5 -13.86 -6.64 9.30
N SER A 6 -13.54 -7.20 10.47
CA SER A 6 -13.43 -6.40 11.69
C SER A 6 -12.10 -6.65 12.38
N GLY A 7 -11.58 -5.61 13.03
CA GLY A 7 -10.31 -5.74 13.73
C GLY A 7 -9.49 -4.47 13.68
N SER A 8 -9.09 -3.99 14.86
CA SER A 8 -8.30 -2.77 14.96
C SER A 8 -7.09 -2.82 14.04
N GLY A 9 -6.48 -1.67 13.79
CA GLY A 9 -5.32 -1.60 12.92
C GLY A 9 -5.12 -0.22 12.34
N GLU A 10 -4.32 0.60 13.02
CA GLU A 10 -4.05 1.96 12.56
C GLU A 10 -2.56 2.15 12.29
N ARG A 11 -2.14 1.80 11.08
CA ARG A 11 -0.73 1.94 10.70
C ARG A 11 -0.46 3.30 10.09
N PRO A 12 0.63 3.96 10.53
CA PRO A 12 1.01 5.27 10.03
C PRO A 12 1.51 5.23 8.59
N TYR A 13 2.18 4.14 8.23
CA TYR A 13 2.70 3.97 6.88
C TYR A 13 1.69 3.28 5.98
N GLY A 14 0.41 3.38 6.36
CA GLY A 14 -0.63 2.76 5.57
C GLY A 14 -0.70 3.30 4.15
N CYS A 15 -1.11 2.45 3.22
CA CYS A 15 -1.21 2.84 1.82
C CYS A 15 -2.67 2.93 1.37
N ASN A 16 -2.97 3.90 0.52
CA ASN A 16 -4.33 4.09 0.02
C ASN A 16 -4.47 3.53 -1.39
N GLU A 17 -3.41 3.65 -2.18
CA GLU A 17 -3.42 3.15 -3.55
C GLU A 17 -4.10 1.80 -3.63
N CYS A 18 -3.80 0.92 -2.69
CA CYS A 18 -4.38 -0.41 -2.65
C CYS A 18 -4.93 -0.73 -1.27
N GLY A 19 -4.14 -0.43 -0.24
CA GLY A 19 -4.56 -0.69 1.12
C GLY A 19 -3.60 -1.59 1.87
N LYS A 20 -2.30 -1.31 1.72
CA LYS A 20 -1.27 -2.10 2.39
C LYS A 20 -0.62 -1.30 3.51
N ASN A 21 -0.46 -1.94 4.67
CA ASN A 21 0.16 -1.28 5.82
C ASN A 21 1.57 -1.80 6.04
N PHE A 22 2.40 -1.00 6.71
CA PHE A 22 3.78 -1.38 6.98
C PHE A 22 4.26 -0.75 8.29
N GLY A 23 5.44 -1.16 8.73
CA GLY A 23 6.00 -0.63 9.96
C GLY A 23 7.23 0.21 9.73
N ARG A 24 8.08 -0.24 8.81
CA ARG A 24 9.32 0.47 8.50
C ARG A 24 9.09 1.45 7.35
N HIS A 25 9.76 2.60 7.42
CA HIS A 25 9.63 3.62 6.39
C HIS A 25 9.91 3.03 5.01
N SER A 26 11.08 2.43 4.85
CA SER A 26 11.46 1.82 3.58
C SER A 26 10.42 0.81 3.13
N HIS A 27 10.05 -0.09 4.04
CA HIS A 27 9.06 -1.12 3.73
C HIS A 27 7.88 -0.54 2.97
N LEU A 28 7.39 0.61 3.43
CA LEU A 28 6.26 1.28 2.79
C LEU A 28 6.65 1.78 1.41
N ILE A 29 7.70 2.59 1.35
CA ILE A 29 8.16 3.14 0.07
C ILE A 29 8.26 2.06 -0.99
N GLU A 30 9.10 1.06 -0.75
CA GLU A 30 9.28 -0.04 -1.68
C GLU A 30 7.94 -0.55 -2.19
N HIS A 31 7.05 -0.87 -1.25
CA HIS A 31 5.73 -1.38 -1.59
C HIS A 31 5.06 -0.50 -2.65
N LEU A 32 5.14 0.81 -2.44
CA LEU A 32 4.53 1.76 -3.36
C LEU A 32 5.14 1.61 -4.76
N LYS A 33 6.43 1.32 -4.81
CA LYS A 33 7.13 1.15 -6.07
C LYS A 33 6.34 0.26 -7.02
N ARG A 34 5.98 -0.94 -6.54
CA ARG A 34 5.22 -1.88 -7.35
C ARG A 34 4.13 -1.16 -8.15
N HIS A 35 3.26 -0.45 -7.45
CA HIS A 35 2.18 0.28 -8.09
C HIS A 35 2.66 0.96 -9.37
N PHE A 36 3.83 1.57 -9.30
CA PHE A 36 4.41 2.26 -10.45
C PHE A 36 5.16 1.28 -11.34
N ARG A 37 4.50 0.18 -11.68
CA ARG A 37 5.11 -0.84 -12.54
C ARG A 37 4.04 -1.74 -13.16
N GLU A 38 4.36 -2.29 -14.33
CA GLU A 38 3.43 -3.17 -15.02
C GLU A 38 3.67 -4.63 -14.65
N LYS A 39 2.65 -5.27 -14.09
CA LYS A 39 2.76 -6.68 -13.69
C LYS A 39 1.77 -7.55 -14.47
N SER A 40 1.41 -7.09 -15.68
CA SER A 40 0.48 -7.82 -16.52
C SER A 40 1.20 -8.95 -17.26
N SER A 41 1.97 -9.73 -16.53
CA SER A 41 2.70 -10.84 -17.12
C SER A 41 2.33 -12.16 -16.46
N GLY A 42 1.23 -12.76 -16.93
CA GLY A 42 0.78 -14.01 -16.37
C GLY A 42 -0.07 -13.83 -15.13
N PRO A 43 -1.37 -13.56 -15.32
CA PRO A 43 -2.31 -13.35 -14.21
C PRO A 43 -2.59 -14.64 -13.44
N SER A 44 -1.95 -15.72 -13.86
CA SER A 44 -2.14 -17.02 -13.20
C SER A 44 -0.81 -17.56 -12.70
N SER A 45 -0.49 -17.26 -11.43
CA SER A 45 0.75 -17.72 -10.83
C SER A 45 0.52 -18.98 -10.00
N GLY A 46 1.57 -19.77 -9.83
CA GLY A 46 1.46 -20.99 -9.06
C GLY A 46 2.63 -21.19 -8.12
N GLY A 1 -19.37 8.63 -2.56
CA GLY A 1 -18.54 8.00 -1.55
C GLY A 1 -19.28 6.95 -0.76
N SER A 2 -19.50 5.79 -1.37
CA SER A 2 -20.21 4.69 -0.71
C SER A 2 -19.52 4.30 0.59
N SER A 3 -18.21 4.13 0.53
CA SER A 3 -17.42 3.76 1.70
C SER A 3 -16.60 4.93 2.21
N GLY A 4 -16.65 5.16 3.51
CA GLY A 4 -15.90 6.26 4.09
C GLY A 4 -15.18 5.85 5.37
N SER A 5 -14.00 6.42 5.58
CA SER A 5 -13.21 6.11 6.77
C SER A 5 -13.00 7.35 7.63
N SER A 6 -13.36 7.26 8.90
CA SER A 6 -13.22 8.38 9.83
C SER A 6 -11.88 9.07 9.63
N GLY A 7 -10.83 8.29 9.51
CA GLY A 7 -9.50 8.85 9.32
C GLY A 7 -8.74 8.17 8.19
N SER A 8 -7.51 7.74 8.48
CA SER A 8 -6.69 7.07 7.47
C SER A 8 -6.48 5.60 7.82
N GLY A 9 -6.12 5.34 9.08
CA GLY A 9 -5.90 3.98 9.52
C GLY A 9 -5.10 3.91 10.80
N GLU A 10 -4.81 2.70 11.25
CA GLU A 10 -4.06 2.49 12.48
C GLU A 10 -2.56 2.70 12.25
N ARG A 11 -2.07 2.16 11.14
CA ARG A 11 -0.66 2.28 10.79
C ARG A 11 -0.40 3.57 10.01
N PRO A 12 0.70 4.27 10.35
CA PRO A 12 1.08 5.52 9.70
C PRO A 12 1.54 5.30 8.26
N TYR A 13 1.99 4.09 7.96
CA TYR A 13 2.46 3.76 6.62
C TYR A 13 1.39 3.01 5.84
N GLY A 14 0.13 3.28 6.16
CA GLY A 14 -0.97 2.62 5.48
C GLY A 14 -1.19 3.17 4.09
N CYS A 15 -0.92 2.34 3.08
CA CYS A 15 -1.08 2.75 1.69
C CYS A 15 -2.55 2.65 1.27
N ASN A 16 -3.13 3.78 0.89
CA ASN A 16 -4.52 3.82 0.46
C ASN A 16 -4.68 3.24 -0.94
N GLU A 17 -3.70 3.51 -1.80
CA GLU A 17 -3.73 3.01 -3.17
C GLU A 17 -4.19 1.56 -3.22
N CYS A 18 -3.77 0.78 -2.22
CA CYS A 18 -4.14 -0.63 -2.13
C CYS A 18 -4.73 -0.96 -0.77
N GLY A 19 -4.05 -0.52 0.28
CA GLY A 19 -4.52 -0.78 1.63
C GLY A 19 -3.52 -1.57 2.45
N LYS A 20 -2.30 -1.67 1.96
CA LYS A 20 -1.24 -2.40 2.65
C LYS A 20 -0.52 -1.51 3.65
N ASN A 21 -0.35 -2.02 4.87
CA ASN A 21 0.32 -1.26 5.92
C ASN A 21 1.70 -1.86 6.22
N PHE A 22 2.67 -1.00 6.49
CA PHE A 22 4.02 -1.46 6.81
C PHE A 22 4.63 -0.62 7.92
N GLY A 23 4.75 -1.20 9.11
CA GLY A 23 5.31 -0.49 10.24
C GLY A 23 6.67 0.10 9.93
N ARG A 24 7.36 -0.48 8.97
CA ARG A 24 8.68 0.00 8.58
C ARG A 24 8.57 1.10 7.52
N HIS A 25 9.57 1.98 7.49
CA HIS A 25 9.59 3.08 6.54
C HIS A 25 9.91 2.59 5.14
N SER A 26 11.14 2.10 4.96
CA SER A 26 11.59 1.59 3.67
C SER A 26 10.54 0.67 3.06
N HIS A 27 10.14 -0.34 3.82
CA HIS A 27 9.14 -1.29 3.36
C HIS A 27 8.04 -0.59 2.58
N LEU A 28 7.36 0.35 3.22
CA LEU A 28 6.28 1.10 2.59
C LEU A 28 6.75 1.72 1.28
N ILE A 29 7.90 2.38 1.31
CA ILE A 29 8.46 3.01 0.13
C ILE A 29 8.61 2.02 -1.01
N GLU A 30 9.48 1.03 -0.83
CA GLU A 30 9.72 0.01 -1.84
C GLU A 30 8.40 -0.57 -2.34
N HIS A 31 7.48 -0.82 -1.42
CA HIS A 31 6.19 -1.38 -1.76
C HIS A 31 5.45 -0.47 -2.75
N LEU A 32 5.49 0.82 -2.49
CA LEU A 32 4.82 1.80 -3.36
C LEU A 32 5.35 1.70 -4.79
N LYS A 33 6.64 1.38 -4.92
CA LYS A 33 7.27 1.26 -6.23
C LYS A 33 6.34 0.53 -7.20
N ARG A 34 5.90 -0.65 -6.82
CA ARG A 34 5.01 -1.44 -7.65
C ARG A 34 3.97 -0.55 -8.35
N HIS A 35 3.14 0.11 -7.56
CA HIS A 35 2.11 0.98 -8.09
C HIS A 35 2.70 1.91 -9.16
N PHE A 36 3.84 2.51 -8.86
CA PHE A 36 4.49 3.42 -9.80
C PHE A 36 4.85 2.70 -11.09
N ARG A 37 5.67 1.66 -10.98
CA ARG A 37 6.10 0.88 -12.15
C ARG A 37 4.92 0.69 -13.11
N GLU A 38 5.25 0.53 -14.39
CA GLU A 38 4.22 0.33 -15.42
C GLU A 38 4.16 -1.13 -15.84
N LYS A 39 5.31 -1.67 -16.25
CA LYS A 39 5.39 -3.05 -16.69
C LYS A 39 4.38 -3.34 -17.80
N SER A 40 4.25 -2.39 -18.73
CA SER A 40 3.32 -2.54 -19.84
C SER A 40 3.73 -1.64 -21.02
N SER A 41 2.99 -1.75 -22.11
CA SER A 41 3.27 -0.95 -23.29
C SER A 41 2.35 0.27 -23.36
N GLY A 42 1.04 0.01 -23.40
CA GLY A 42 0.08 1.09 -23.46
C GLY A 42 0.24 1.95 -24.71
N PRO A 43 -0.20 3.21 -24.62
CA PRO A 43 -0.11 4.15 -25.74
C PRO A 43 1.32 4.58 -26.03
N SER A 44 2.06 4.90 -24.97
CA SER A 44 3.44 5.33 -25.10
C SER A 44 4.33 4.17 -25.54
N SER A 45 5.47 4.49 -26.14
CA SER A 45 6.40 3.48 -26.62
C SER A 45 7.15 2.84 -25.45
N GLY A 46 7.61 3.69 -24.53
CA GLY A 46 8.34 3.19 -23.37
C GLY A 46 8.00 3.94 -22.10
#